data_8HKR
#
_entry.id   8HKR
#
_cell.length_a   109.150
_cell.length_b   109.150
_cell.length_c   216.610
_cell.angle_alpha   90.000
_cell.angle_beta   90.000
_cell.angle_gamma   90.000
#
_symmetry.space_group_name_H-M   'P 41 21 2'
#
loop_
_entity.id
_entity.type
_entity.pdbx_description
1 polymer 'Protein lysine methyltransferase'
2 non-polymer 'PHOSPHATE ION'
3 non-polymer S-ADENOSYL-L-HOMOCYSTEINE
4 water water
#
_entity_poly.entity_id   1
_entity_poly.type   'polypeptide(L)'
_entity_poly.pdbx_seq_one_letter_code
;GAMVTDDHPRADIVSRQYHRWLYPHPIADLEAWTTANWEWFDPVHSHRILWPDREYRPDLDILIAGCGTNQAAIFAFTNR
AAKVVAIDISRPALDHQQYLKDKHGLANLELHLLPIEELATLGRDFDLVVSTGVLHHLADPRAGMKELAHCLRRDGVVAA
MLYGKYGRIGVELLGSVFRDLGLGQDDASIKLAKEAISLLPTYHPLRNYLTKARDLLSDSALVDTFLHGRQRSYTVEECV
DLVTSAGLVFQGWFHKAPYYPHDFFVPNSEFYAAVNTLPEVKAWSVMERLETLNATHLFMACRRDRPKEQYTIDFSTVAA
LDYVPLMRTRCGVSGTDMFWPGWRMAPSPAQLAFLQQVDGRRTIREIAGCVARTGEPSGGSLADLEEFGRKLFQSLWRLD
FVAVALPASG
;
_entity_poly.pdbx_strand_id   A,B
#
# COMPACT_ATOMS: atom_id res chain seq x y z
N HIS A 19 -9.29 9.03 -24.94
CA HIS A 19 -9.68 7.61 -25.22
C HIS A 19 -9.21 7.20 -26.64
N ARG A 20 -8.02 6.61 -26.74
CA ARG A 20 -7.40 6.15 -28.02
C ARG A 20 -8.16 4.94 -28.55
N TRP A 21 -8.35 3.92 -27.70
CA TRP A 21 -9.23 2.75 -27.97
C TRP A 21 -10.53 2.88 -27.16
N LEU A 22 -11.56 2.18 -27.61
CA LEU A 22 -12.83 1.96 -26.86
C LEU A 22 -12.55 1.06 -25.65
N TYR A 23 -13.00 1.47 -24.46
CA TYR A 23 -13.00 0.64 -23.24
C TYR A 23 -14.40 0.64 -22.61
N PRO A 24 -14.95 -0.50 -22.14
CA PRO A 24 -14.34 -1.82 -22.29
C PRO A 24 -14.27 -2.32 -23.74
N HIS A 25 -13.44 -3.34 -23.97
CA HIS A 25 -13.18 -3.95 -25.30
C HIS A 25 -14.52 -4.39 -25.89
N PRO A 26 -14.88 -3.91 -27.10
CA PRO A 26 -16.12 -4.31 -27.76
C PRO A 26 -16.24 -5.82 -27.98
N ILE A 27 -17.41 -6.37 -27.64
CA ILE A 27 -17.80 -7.81 -27.84
C ILE A 27 -18.45 -7.92 -29.21
N ALA A 28 -18.04 -8.90 -30.01
CA ALA A 28 -18.51 -9.10 -31.41
C ALA A 28 -19.87 -9.82 -31.42
N ASP A 29 -20.10 -10.74 -30.50
CA ASP A 29 -21.23 -11.71 -30.56
C ASP A 29 -21.65 -12.09 -29.14
N LEU A 30 -22.91 -11.79 -28.77
CA LEU A 30 -23.45 -12.03 -27.41
C LEU A 30 -23.86 -13.49 -27.25
N GLU A 31 -24.15 -14.21 -28.36
CA GLU A 31 -24.49 -15.66 -28.31
C GLU A 31 -23.27 -16.43 -27.78
N ALA A 32 -22.06 -16.10 -28.25
CA ALA A 32 -20.78 -16.68 -27.80
C ALA A 32 -20.45 -16.19 -26.38
N TRP A 33 -20.55 -14.87 -26.14
CA TRP A 33 -20.11 -14.24 -24.88
C TRP A 33 -20.96 -14.76 -23.70
N THR A 34 -22.29 -14.92 -23.88
CA THR A 34 -23.25 -15.19 -22.78
C THR A 34 -23.32 -16.69 -22.44
N THR A 35 -22.82 -17.61 -23.28
CA THR A 35 -22.70 -19.05 -22.91
C THR A 35 -21.48 -19.25 -22.01
N ALA A 36 -20.46 -18.38 -22.12
CA ALA A 36 -19.17 -18.47 -21.39
C ALA A 36 -19.13 -17.53 -20.19
N ASN A 37 -19.76 -16.35 -20.27
CA ASN A 37 -19.60 -15.26 -19.27
C ASN A 37 -20.96 -14.80 -18.77
N TRP A 38 -20.96 -13.96 -17.74
CA TRP A 38 -22.18 -13.37 -17.17
C TRP A 38 -21.85 -12.03 -16.49
N GLU A 39 -22.83 -11.13 -16.47
CA GLU A 39 -22.76 -9.84 -15.75
C GLU A 39 -23.19 -10.10 -14.29
N TRP A 40 -22.40 -9.63 -13.32
CA TRP A 40 -22.69 -9.76 -11.87
C TRP A 40 -24.15 -9.41 -11.58
N PHE A 41 -24.62 -8.27 -12.10
CA PHE A 41 -25.90 -7.62 -11.69
C PHE A 41 -27.03 -7.97 -12.66
N ASP A 42 -26.79 -8.89 -13.60
CA ASP A 42 -27.83 -9.46 -14.48
C ASP A 42 -28.87 -10.15 -13.61
N PRO A 43 -30.14 -9.67 -13.57
CA PRO A 43 -31.15 -10.27 -12.71
C PRO A 43 -31.47 -11.74 -13.06
N VAL A 44 -31.20 -12.20 -14.27
CA VAL A 44 -31.36 -13.63 -14.65
C VAL A 44 -30.55 -14.49 -13.66
N HIS A 45 -29.36 -14.01 -13.27
CA HIS A 45 -28.40 -14.73 -12.41
C HIS A 45 -28.55 -14.30 -10.94
N SER A 46 -28.80 -13.03 -10.69
CA SER A 46 -28.58 -12.39 -9.36
C SER A 46 -29.88 -11.81 -8.76
N HIS A 47 -31.05 -12.20 -9.26
CA HIS A 47 -32.35 -11.66 -8.78
C HIS A 47 -32.48 -11.86 -7.27
N ARG A 48 -32.08 -13.01 -6.72
CA ARG A 48 -32.28 -13.34 -5.29
C ARG A 48 -31.36 -12.50 -4.41
N ILE A 49 -30.28 -11.97 -4.97
CA ILE A 49 -29.33 -11.13 -4.19
C ILE A 49 -29.87 -9.71 -4.15
N LEU A 50 -30.46 -9.23 -5.24
CA LEU A 50 -31.07 -7.88 -5.33
C LEU A 50 -32.38 -7.83 -4.54
N TRP A 51 -33.27 -8.79 -4.81
CA TRP A 51 -34.60 -8.93 -4.15
C TRP A 51 -34.71 -10.34 -3.58
N PRO A 52 -34.24 -10.57 -2.34
CA PRO A 52 -34.34 -11.89 -1.71
C PRO A 52 -35.75 -12.47 -1.56
N ASP A 53 -36.77 -11.60 -1.51
CA ASP A 53 -38.16 -11.96 -1.13
C ASP A 53 -39.03 -12.35 -2.32
N ARG A 54 -38.50 -12.53 -3.54
CA ARG A 54 -39.35 -12.80 -4.74
C ARG A 54 -38.59 -13.59 -5.80
N GLU A 55 -39.37 -14.28 -6.64
CA GLU A 55 -38.95 -15.07 -7.82
C GLU A 55 -38.37 -14.12 -8.88
N TYR A 56 -37.59 -14.62 -9.83
CA TYR A 56 -37.17 -13.89 -11.04
C TYR A 56 -38.40 -13.24 -11.68
N ARG A 57 -38.29 -11.96 -12.05
CA ARG A 57 -39.30 -11.22 -12.81
C ARG A 57 -38.72 -10.92 -14.19
N PRO A 58 -39.29 -11.48 -15.28
CA PRO A 58 -38.73 -11.29 -16.62
C PRO A 58 -39.01 -9.89 -17.22
N ASP A 59 -39.90 -9.10 -16.62
CA ASP A 59 -40.47 -7.86 -17.22
C ASP A 59 -40.01 -6.62 -16.44
N LEU A 60 -38.81 -6.64 -15.88
CA LEU A 60 -38.23 -5.50 -15.12
C LEU A 60 -38.01 -4.31 -16.05
N ASP A 61 -38.09 -3.11 -15.48
CA ASP A 61 -37.59 -1.86 -16.09
C ASP A 61 -36.17 -1.64 -15.55
N ILE A 62 -35.16 -1.68 -16.44
CA ILE A 62 -33.72 -1.65 -16.06
C ILE A 62 -33.08 -0.41 -16.67
N LEU A 63 -32.44 0.42 -15.85
CA LEU A 63 -31.58 1.54 -16.30
C LEU A 63 -30.12 1.11 -16.16
N ILE A 64 -29.35 1.19 -17.26
CA ILE A 64 -27.87 1.07 -17.25
C ILE A 64 -27.29 2.49 -17.38
N ALA A 65 -26.85 3.06 -16.26
CA ALA A 65 -26.34 4.45 -16.15
C ALA A 65 -24.83 4.45 -16.37
N GLY A 66 -24.41 4.67 -17.61
CA GLY A 66 -23.01 4.61 -18.03
C GLY A 66 -22.72 3.22 -18.57
N CYS A 67 -23.38 2.88 -19.69
CA CYS A 67 -23.46 1.49 -20.22
C CYS A 67 -22.15 1.07 -20.90
N GLY A 68 -21.27 2.02 -21.22
CA GLY A 68 -20.09 1.76 -22.06
C GLY A 68 -20.47 1.00 -23.32
N THR A 69 -19.63 0.05 -23.74
CA THR A 69 -19.66 -0.55 -25.09
C THR A 69 -20.62 -1.76 -25.16
N ASN A 70 -20.75 -2.54 -24.08
CA ASN A 70 -21.34 -3.90 -24.11
C ASN A 70 -22.50 -4.07 -23.13
N GLN A 71 -22.41 -3.49 -21.94
CA GLN A 71 -23.17 -3.91 -20.73
C GLN A 71 -24.68 -3.94 -21.01
N ALA A 72 -25.25 -2.86 -21.55
CA ALA A 72 -26.73 -2.71 -21.68
C ALA A 72 -27.24 -3.77 -22.67
N ALA A 73 -26.54 -3.96 -23.78
CA ALA A 73 -26.88 -4.98 -24.80
C ALA A 73 -26.92 -6.37 -24.14
N ILE A 74 -25.95 -6.70 -23.28
CA ILE A 74 -25.95 -8.02 -22.57
C ILE A 74 -27.25 -8.14 -21.78
N PHE A 75 -27.60 -7.14 -20.98
CA PHE A 75 -28.80 -7.19 -20.10
C PHE A 75 -30.04 -7.42 -20.97
N ALA A 76 -30.15 -6.70 -22.10
CA ALA A 76 -31.31 -6.76 -23.02
C ALA A 76 -31.39 -8.14 -23.69
N PHE A 77 -30.24 -8.75 -23.97
CA PHE A 77 -30.09 -10.07 -24.63
C PHE A 77 -30.57 -11.19 -23.71
N THR A 78 -30.20 -11.12 -22.42
CA THR A 78 -30.48 -12.18 -21.41
C THR A 78 -31.87 -11.99 -20.80
N ASN A 79 -32.42 -10.77 -20.83
CA ASN A 79 -33.77 -10.42 -20.32
C ASN A 79 -34.59 -9.84 -21.46
N ARG A 80 -35.10 -10.71 -22.34
CA ARG A 80 -35.75 -10.35 -23.62
C ARG A 80 -37.05 -9.60 -23.37
N ALA A 81 -37.73 -9.91 -22.26
CA ALA A 81 -39.06 -9.33 -21.90
C ALA A 81 -38.89 -8.09 -21.00
N ALA A 82 -37.65 -7.74 -20.63
CA ALA A 82 -37.33 -6.55 -19.82
C ALA A 82 -37.16 -5.33 -20.73
N LYS A 83 -37.53 -4.15 -20.28
CA LYS A 83 -37.26 -2.85 -20.95
C LYS A 83 -35.95 -2.30 -20.39
N VAL A 84 -34.91 -2.27 -21.21
CA VAL A 84 -33.54 -1.81 -20.82
C VAL A 84 -33.31 -0.42 -21.43
N VAL A 85 -33.06 0.57 -20.58
CA VAL A 85 -32.71 1.95 -21.00
C VAL A 85 -31.25 2.17 -20.61
N ALA A 86 -30.45 2.64 -21.55
CA ALA A 86 -28.99 2.77 -21.38
C ALA A 86 -28.58 4.20 -21.71
N ILE A 87 -27.71 4.80 -20.89
CA ILE A 87 -27.17 6.16 -21.13
C ILE A 87 -25.64 6.12 -21.04
N ASP A 88 -24.98 6.90 -21.89
CA ASP A 88 -23.53 7.16 -21.83
C ASP A 88 -23.31 8.52 -22.47
N ILE A 89 -22.17 9.15 -22.19
CA ILE A 89 -21.76 10.45 -22.79
C ILE A 89 -20.92 10.21 -24.04
N SER A 90 -20.56 8.94 -24.33
CA SER A 90 -19.64 8.53 -25.41
C SER A 90 -20.44 8.00 -26.60
N ARG A 91 -20.35 8.67 -27.75
CA ARG A 91 -21.04 8.25 -29.00
C ARG A 91 -20.49 6.91 -29.49
N PRO A 92 -19.15 6.71 -29.55
CA PRO A 92 -18.60 5.42 -30.00
C PRO A 92 -19.11 4.23 -29.17
N ALA A 93 -19.20 4.41 -27.85
CA ALA A 93 -19.74 3.41 -26.90
C ALA A 93 -21.18 3.03 -27.32
N LEU A 94 -22.05 4.03 -27.50
CA LEU A 94 -23.47 3.82 -27.87
C LEU A 94 -23.54 3.21 -29.27
N ASP A 95 -22.60 3.58 -30.16
CA ASP A 95 -22.51 3.04 -31.54
C ASP A 95 -22.31 1.51 -31.47
N HIS A 96 -21.53 1.00 -30.53
CA HIS A 96 -21.34 -0.46 -30.37
C HIS A 96 -22.60 -1.11 -29.76
N GLN A 97 -23.26 -0.45 -28.80
CA GLN A 97 -24.54 -0.97 -28.25
C GLN A 97 -25.54 -1.11 -29.40
N GLN A 98 -25.57 -0.14 -30.32
CA GLN A 98 -26.46 -0.11 -31.52
C GLN A 98 -26.13 -1.29 -32.44
N TYR A 99 -24.84 -1.51 -32.74
CA TYR A 99 -24.34 -2.68 -33.52
C TYR A 99 -24.91 -3.97 -32.91
N LEU A 100 -24.73 -4.16 -31.59
CA LEU A 100 -25.23 -5.35 -30.86
C LEU A 100 -26.76 -5.39 -30.91
N LYS A 101 -27.42 -4.22 -30.77
CA LYS A 101 -28.89 -4.10 -30.90
C LYS A 101 -29.35 -4.63 -32.26
N ASP A 102 -28.72 -4.17 -33.34
CA ASP A 102 -29.12 -4.52 -34.74
C ASP A 102 -28.82 -6.00 -35.03
N LYS A 103 -27.63 -6.48 -34.66
CA LYS A 103 -27.17 -7.88 -34.85
C LYS A 103 -28.15 -8.86 -34.17
N HIS A 104 -28.58 -8.57 -32.94
CA HIS A 104 -29.30 -9.52 -32.06
C HIS A 104 -30.78 -9.15 -31.92
N GLY A 105 -31.25 -8.10 -32.60
CA GLY A 105 -32.67 -7.69 -32.61
C GLY A 105 -33.14 -7.33 -31.21
N LEU A 106 -32.37 -6.50 -30.49
CA LEU A 106 -32.68 -6.08 -29.10
C LEU A 106 -33.67 -4.92 -29.10
N ALA A 107 -34.91 -5.18 -29.51
CA ALA A 107 -35.99 -4.17 -29.61
C ALA A 107 -36.28 -3.60 -28.23
N ASN A 108 -35.91 -4.32 -27.17
CA ASN A 108 -36.15 -3.94 -25.76
C ASN A 108 -35.01 -3.05 -25.23
N LEU A 109 -34.08 -2.62 -26.07
CA LEU A 109 -32.95 -1.74 -25.67
C LEU A 109 -33.14 -0.34 -26.25
N GLU A 110 -33.19 0.67 -25.38
CA GLU A 110 -33.33 2.10 -25.73
C GLU A 110 -32.04 2.83 -25.31
N LEU A 111 -31.38 3.52 -26.23
CA LEU A 111 -30.06 4.16 -26.01
C LEU A 111 -30.21 5.68 -26.01
N HIS A 112 -29.50 6.37 -25.12
CA HIS A 112 -29.46 7.87 -25.08
C HIS A 112 -28.03 8.35 -24.88
N LEU A 113 -27.62 9.38 -25.62
CA LEU A 113 -26.42 10.21 -25.28
C LEU A 113 -26.83 11.19 -24.19
N LEU A 114 -26.57 10.84 -22.94
CA LEU A 114 -27.09 11.58 -21.76
C LEU A 114 -26.13 11.37 -20.59
N PRO A 115 -25.69 12.45 -19.91
CA PRO A 115 -24.93 12.29 -18.69
C PRO A 115 -25.89 11.94 -17.53
N ILE A 116 -25.38 11.19 -16.55
CA ILE A 116 -26.13 10.79 -15.33
C ILE A 116 -26.83 12.01 -14.73
N GLU A 117 -26.22 13.19 -14.78
CA GLU A 117 -26.73 14.46 -14.18
C GLU A 117 -28.13 14.81 -14.74
N GLU A 118 -28.46 14.34 -15.94
CA GLU A 118 -29.68 14.72 -16.69
C GLU A 118 -30.65 13.54 -16.80
N LEU A 119 -30.49 12.51 -15.97
CA LEU A 119 -31.39 11.31 -15.94
C LEU A 119 -32.87 11.67 -15.80
N ALA A 120 -33.22 12.75 -15.10
CA ALA A 120 -34.64 13.15 -14.90
C ALA A 120 -35.32 13.41 -16.25
N THR A 121 -34.57 13.78 -17.30
CA THR A 121 -35.12 14.07 -18.65
C THR A 121 -35.77 12.82 -19.23
N LEU A 122 -35.46 11.61 -18.74
CA LEU A 122 -36.10 10.34 -19.18
C LEU A 122 -37.56 10.26 -18.69
N GLY A 123 -37.90 10.97 -17.61
CA GLY A 123 -39.23 10.99 -16.98
C GLY A 123 -39.72 9.61 -16.55
N ARG A 124 -38.79 8.76 -16.09
CA ARG A 124 -39.06 7.35 -15.73
C ARG A 124 -38.29 6.99 -14.46
N ASP A 125 -38.86 6.06 -13.70
CA ASP A 125 -38.17 5.32 -12.62
C ASP A 125 -38.10 3.84 -13.05
N PHE A 126 -37.36 3.04 -12.28
CA PHE A 126 -36.86 1.70 -12.67
C PHE A 126 -36.84 0.77 -11.47
N ASP A 127 -36.91 -0.53 -11.75
CA ASP A 127 -36.81 -1.60 -10.71
C ASP A 127 -35.34 -1.84 -10.40
N LEU A 128 -34.46 -1.70 -11.39
CA LEU A 128 -33.00 -1.93 -11.28
C LEU A 128 -32.24 -0.80 -11.99
N VAL A 129 -31.31 -0.16 -11.28
CA VAL A 129 -30.40 0.89 -11.81
C VAL A 129 -28.97 0.36 -11.64
N VAL A 130 -28.30 0.05 -12.74
CA VAL A 130 -26.91 -0.47 -12.73
C VAL A 130 -25.99 0.68 -13.12
N SER A 131 -25.02 1.00 -12.27
CA SER A 131 -23.95 2.00 -12.57
C SER A 131 -22.60 1.44 -12.13
N THR A 132 -21.93 0.66 -12.99
CA THR A 132 -20.69 -0.06 -12.62
C THR A 132 -19.47 0.62 -13.26
N GLY A 133 -18.57 1.14 -12.42
CA GLY A 133 -17.26 1.69 -12.79
C GLY A 133 -17.38 3.04 -13.44
N VAL A 134 -18.35 3.85 -13.01
CA VAL A 134 -18.83 5.10 -13.70
C VAL A 134 -18.70 6.30 -12.77
N LEU A 135 -19.14 6.17 -11.51
CA LEU A 135 -19.49 7.31 -10.63
C LEU A 135 -18.25 8.14 -10.29
N HIS A 136 -17.08 7.54 -10.15
CA HIS A 136 -15.80 8.26 -9.85
C HIS A 136 -15.42 9.25 -10.98
N HIS A 137 -15.70 8.91 -12.25
CA HIS A 137 -15.41 9.76 -13.44
C HIS A 137 -16.22 11.07 -13.39
N LEU A 138 -17.19 11.19 -12.48
CA LEU A 138 -18.03 12.41 -12.35
C LEU A 138 -17.28 13.50 -11.55
N ALA A 139 -17.52 14.75 -11.92
CA ALA A 139 -17.13 15.97 -11.16
C ALA A 139 -17.66 15.86 -9.73
N ASP A 140 -18.90 15.38 -9.56
CA ASP A 140 -19.60 15.25 -8.25
C ASP A 140 -20.23 13.86 -8.14
N PRO A 141 -19.49 12.83 -7.66
CA PRO A 141 -20.05 11.50 -7.49
C PRO A 141 -21.34 11.49 -6.66
N ARG A 142 -21.44 12.33 -5.62
CA ARG A 142 -22.61 12.43 -4.70
C ARG A 142 -23.86 12.88 -5.46
N ALA A 143 -23.72 13.86 -6.35
CA ALA A 143 -24.82 14.36 -7.23
C ALA A 143 -25.24 13.25 -8.19
N GLY A 144 -24.27 12.44 -8.66
CA GLY A 144 -24.54 11.28 -9.51
C GLY A 144 -25.43 10.29 -8.80
N MET A 145 -25.08 9.89 -7.57
CA MET A 145 -25.83 8.89 -6.77
C MET A 145 -27.24 9.42 -6.47
N LYS A 146 -27.37 10.73 -6.22
CA LYS A 146 -28.66 11.42 -5.97
C LYS A 146 -29.58 11.23 -7.19
N GLU A 147 -29.05 11.37 -8.41
CA GLU A 147 -29.83 11.21 -9.66
C GLU A 147 -30.24 9.75 -9.85
N LEU A 148 -29.35 8.80 -9.53
CA LEU A 148 -29.69 7.36 -9.54
C LEU A 148 -30.81 7.11 -8.54
N ALA A 149 -30.75 7.67 -7.33
CA ALA A 149 -31.77 7.52 -6.28
C ALA A 149 -33.13 7.98 -6.82
N HIS A 150 -33.17 9.12 -7.53
CA HIS A 150 -34.43 9.71 -8.03
C HIS A 150 -35.03 8.85 -9.14
N CYS A 151 -34.28 7.90 -9.71
CA CYS A 151 -34.73 6.99 -10.81
C CYS A 151 -35.26 5.66 -10.24
N LEU A 152 -35.39 5.54 -8.92
CA LEU A 152 -35.63 4.25 -8.23
C LEU A 152 -37.08 4.14 -7.78
N ARG A 153 -37.77 3.06 -8.14
CA ARG A 153 -39.10 2.73 -7.58
C ARG A 153 -38.94 2.30 -6.14
N ARG A 154 -40.04 2.24 -5.40
CA ARG A 154 -40.05 1.95 -3.95
C ARG A 154 -39.15 0.73 -3.67
N ASP A 155 -39.31 -0.34 -4.44
CA ASP A 155 -38.68 -1.66 -4.22
C ASP A 155 -37.50 -1.85 -5.19
N GLY A 156 -37.03 -0.78 -5.83
CA GLY A 156 -35.92 -0.86 -6.79
C GLY A 156 -34.58 -0.91 -6.09
N VAL A 157 -33.53 -1.30 -6.81
CA VAL A 157 -32.13 -1.42 -6.28
C VAL A 157 -31.19 -0.67 -7.23
N VAL A 158 -30.28 0.11 -6.66
CA VAL A 158 -29.07 0.62 -7.36
C VAL A 158 -27.97 -0.41 -7.12
N ALA A 159 -27.44 -0.99 -8.19
CA ALA A 159 -26.25 -1.86 -8.24
C ALA A 159 -25.08 -1.05 -8.79
N ALA A 160 -24.07 -0.78 -7.96
CA ALA A 160 -22.96 0.15 -8.28
C ALA A 160 -21.61 -0.56 -8.07
N MET A 161 -20.58 -0.07 -8.78
CA MET A 161 -19.18 -0.47 -8.54
C MET A 161 -18.34 0.80 -8.38
N LEU A 162 -17.57 0.88 -7.31
CA LEU A 162 -16.47 1.87 -7.13
C LEU A 162 -15.17 1.09 -6.94
N TYR A 163 -14.05 1.71 -7.27
CA TYR A 163 -12.69 1.16 -7.03
C TYR A 163 -12.41 1.24 -5.53
N GLY A 164 -11.76 0.21 -4.99
CA GLY A 164 -11.42 0.10 -3.56
C GLY A 164 -10.04 0.65 -3.27
N LYS A 165 -9.89 1.44 -2.20
CA LYS A 165 -8.65 2.18 -1.88
C LYS A 165 -7.45 1.21 -1.76
N TYR A 166 -7.55 0.17 -0.92
CA TYR A 166 -6.36 -0.61 -0.48
C TYR A 166 -5.98 -1.66 -1.54
N GLY A 167 -6.93 -2.09 -2.37
CA GLY A 167 -6.67 -3.02 -3.49
C GLY A 167 -5.99 -2.33 -4.67
N ARG A 168 -6.03 -1.00 -4.75
CA ARG A 168 -5.61 -0.20 -5.93
C ARG A 168 -4.28 0.53 -5.68
N ILE A 169 -3.62 0.28 -4.55
CA ILE A 169 -2.36 0.98 -4.14
C ILE A 169 -1.35 0.93 -5.28
N GLY A 170 -1.07 -0.27 -5.81
CA GLY A 170 -0.08 -0.51 -6.88
C GLY A 170 -0.39 0.32 -8.11
N VAL A 171 -1.66 0.35 -8.52
CA VAL A 171 -2.15 1.08 -9.73
C VAL A 171 -1.93 2.58 -9.50
N GLU A 172 -2.29 3.09 -8.33
CA GLU A 172 -2.19 4.53 -7.99
C GLU A 172 -0.71 4.93 -7.95
N LEU A 173 0.15 4.06 -7.42
CA LEU A 173 1.61 4.33 -7.38
C LEU A 173 2.14 4.51 -8.81
N LEU A 174 1.90 3.56 -9.71
CA LEU A 174 2.48 3.59 -11.09
C LEU A 174 1.80 4.71 -11.89
N GLY A 175 0.48 4.81 -11.82
CA GLY A 175 -0.29 5.88 -12.47
C GLY A 175 0.34 7.24 -12.20
N SER A 176 0.64 7.53 -10.92
CA SER A 176 1.15 8.85 -10.47
C SER A 176 2.57 9.06 -11.02
N VAL A 177 3.35 7.99 -11.16
CA VAL A 177 4.72 8.05 -11.73
C VAL A 177 4.61 8.41 -13.22
N PHE A 178 3.70 7.75 -13.94
CA PHE A 178 3.46 7.97 -15.38
C PHE A 178 2.99 9.40 -15.63
N ARG A 179 2.18 9.98 -14.73
CA ARG A 179 1.72 11.38 -14.87
C ARG A 179 2.89 12.35 -14.63
N ASP A 180 3.76 12.07 -13.65
CA ASP A 180 4.96 12.91 -13.33
C ASP A 180 5.99 12.86 -14.46
N LEU A 181 5.95 11.82 -15.31
CA LEU A 181 6.84 11.67 -16.50
C LEU A 181 6.14 12.21 -17.75
N GLY A 182 4.90 12.67 -17.64
CA GLY A 182 4.13 13.31 -18.73
C GLY A 182 3.71 12.33 -19.81
N LEU A 183 3.52 11.05 -19.46
CA LEU A 183 3.16 9.98 -20.42
C LEU A 183 1.69 10.12 -20.82
N GLY A 184 1.39 9.82 -22.08
CA GLY A 184 0.01 9.79 -22.62
C GLY A 184 -0.32 8.40 -23.16
N GLN A 185 -1.12 8.35 -24.23
CA GLN A 185 -1.71 7.11 -24.79
C GLN A 185 -0.99 6.73 -26.08
N ASP A 186 0.05 7.46 -26.48
CA ASP A 186 0.86 7.17 -27.70
C ASP A 186 1.61 5.84 -27.48
N ASP A 187 2.13 5.26 -28.56
CA ASP A 187 2.84 3.95 -28.57
C ASP A 187 4.13 4.03 -27.73
N ALA A 188 4.81 5.19 -27.73
CA ALA A 188 6.09 5.42 -27.02
C ALA A 188 5.87 5.36 -25.51
N SER A 189 4.73 5.90 -25.03
CA SER A 189 4.32 5.91 -23.60
C SER A 189 3.97 4.50 -23.12
N ILE A 190 3.25 3.74 -23.95
CA ILE A 190 2.82 2.34 -23.66
C ILE A 190 4.06 1.45 -23.54
N LYS A 191 5.05 1.64 -24.41
CA LYS A 191 6.34 0.89 -24.36
C LYS A 191 7.05 1.17 -23.04
N LEU A 192 7.21 2.45 -22.67
CA LEU A 192 7.87 2.88 -21.40
C LEU A 192 7.10 2.30 -20.20
N ALA A 193 5.77 2.32 -20.27
CA ALA A 193 4.86 1.85 -19.21
C ALA A 193 5.07 0.35 -18.96
N LYS A 194 5.14 -0.46 -20.02
CA LYS A 194 5.34 -1.92 -19.94
C LYS A 194 6.73 -2.22 -19.36
N GLU A 195 7.75 -1.48 -19.80
CA GLU A 195 9.14 -1.67 -19.31
C GLU A 195 9.18 -1.37 -17.80
N ALA A 196 8.54 -0.29 -17.36
CA ALA A 196 8.45 0.10 -15.94
C ALA A 196 7.84 -1.05 -15.13
N ILE A 197 6.70 -1.58 -15.59
CA ILE A 197 6.01 -2.72 -14.93
C ILE A 197 6.95 -3.93 -14.88
N SER A 198 7.75 -4.17 -15.92
CA SER A 198 8.69 -5.32 -15.96
C SER A 198 9.83 -5.12 -14.95
N LEU A 199 10.12 -3.88 -14.54
CA LEU A 199 11.29 -3.56 -13.65
C LEU A 199 10.84 -3.40 -12.20
N LEU A 200 9.55 -3.54 -11.93
CA LEU A 200 9.02 -3.52 -10.55
C LEU A 200 9.65 -4.66 -9.76
N PRO A 201 10.20 -4.41 -8.56
CA PRO A 201 10.64 -5.51 -7.69
C PRO A 201 9.48 -6.46 -7.35
N THR A 202 9.84 -7.68 -6.96
CA THR A 202 8.91 -8.82 -6.72
C THR A 202 7.84 -8.41 -5.72
N TYR A 203 8.19 -7.60 -4.73
CA TYR A 203 7.36 -7.21 -3.56
C TYR A 203 6.51 -5.96 -3.83
N HIS A 204 6.65 -5.30 -4.99
CA HIS A 204 5.85 -4.08 -5.30
C HIS A 204 4.35 -4.40 -5.19
N PRO A 205 3.53 -3.55 -4.55
CA PRO A 205 2.09 -3.82 -4.42
C PRO A 205 1.33 -4.08 -5.73
N LEU A 206 1.86 -3.64 -6.88
CA LEU A 206 1.17 -3.77 -8.19
C LEU A 206 1.24 -5.22 -8.67
N ARG A 207 2.25 -5.99 -8.24
CA ARG A 207 2.43 -7.39 -8.69
C ARG A 207 1.25 -8.26 -8.20
N ASN A 208 0.77 -8.05 -6.97
CA ASN A 208 -0.40 -8.79 -6.41
C ASN A 208 -1.65 -8.49 -7.25
N TYR A 209 -1.90 -7.21 -7.55
CA TYR A 209 -3.02 -6.73 -8.41
C TYR A 209 -2.97 -7.44 -9.77
N LEU A 210 -1.80 -7.48 -10.42
CA LEU A 210 -1.65 -8.07 -11.78
C LEU A 210 -1.97 -9.58 -11.79
N THR A 211 -1.72 -10.30 -10.69
CA THR A 211 -1.91 -11.78 -10.57
C THR A 211 -2.64 -12.11 -9.26
N SER A 218 -3.81 -6.56 -23.83
CA SER A 218 -4.84 -5.68 -23.19
C SER A 218 -4.30 -4.24 -23.11
N ASP A 219 -3.74 -3.75 -24.23
CA ASP A 219 -3.25 -2.34 -24.36
C ASP A 219 -4.39 -1.37 -24.01
N SER A 220 -5.64 -1.71 -24.35
CA SER A 220 -6.86 -0.91 -24.05
C SER A 220 -7.05 -0.77 -22.53
N ALA A 221 -6.97 -1.88 -21.80
CA ALA A 221 -7.20 -1.93 -20.33
C ALA A 221 -5.99 -1.30 -19.61
N LEU A 222 -4.77 -1.53 -20.12
CA LEU A 222 -3.53 -0.89 -19.60
C LEU A 222 -3.69 0.63 -19.63
N VAL A 223 -4.05 1.19 -20.79
CA VAL A 223 -4.26 2.66 -20.97
C VAL A 223 -5.33 3.13 -19.97
N ASP A 224 -6.46 2.45 -19.88
CA ASP A 224 -7.59 2.81 -18.99
C ASP A 224 -7.15 2.82 -17.51
N THR A 225 -6.29 1.88 -17.11
CA THR A 225 -5.82 1.67 -15.72
C THR A 225 -4.73 2.68 -15.35
N PHE A 226 -3.78 2.96 -16.26
CA PHE A 226 -2.46 3.59 -15.94
C PHE A 226 -2.27 4.96 -16.60
N LEU A 227 -2.91 5.24 -17.74
CA LEU A 227 -2.52 6.37 -18.62
C LEU A 227 -3.74 7.24 -18.97
N HIS A 228 -4.75 7.26 -18.09
CA HIS A 228 -6.06 7.93 -18.31
C HIS A 228 -6.41 8.81 -17.09
N GLY A 229 -5.40 9.37 -16.40
CA GLY A 229 -5.57 10.23 -15.22
C GLY A 229 -5.84 9.43 -13.94
N ARG A 230 -5.79 10.07 -12.77
CA ARG A 230 -6.04 9.41 -11.47
C ARG A 230 -7.51 8.99 -11.42
N GLN A 231 -7.79 7.74 -11.01
CA GLN A 231 -9.17 7.24 -10.83
C GLN A 231 -9.44 7.19 -9.32
N ARG A 232 -10.37 8.01 -8.82
CA ARG A 232 -10.72 8.08 -7.39
C ARG A 232 -11.03 6.64 -6.91
N SER A 233 -10.48 6.23 -5.77
CA SER A 233 -10.81 4.96 -5.09
C SER A 233 -11.47 5.26 -3.74
N TYR A 234 -12.16 4.28 -3.15
CA TYR A 234 -13.05 4.48 -1.98
C TYR A 234 -12.78 3.40 -0.94
N THR A 235 -12.85 3.78 0.33
CA THR A 235 -12.95 2.84 1.47
C THR A 235 -14.40 2.36 1.59
N VAL A 236 -14.63 1.31 2.37
CA VAL A 236 -15.97 0.81 2.74
C VAL A 236 -16.81 1.99 3.28
N GLU A 237 -16.25 2.78 4.20
CA GLU A 237 -17.04 3.84 4.90
C GLU A 237 -17.39 4.95 3.91
N GLU A 238 -16.53 5.26 2.94
CA GLU A 238 -16.80 6.28 1.89
C GLU A 238 -17.92 5.78 0.96
N CYS A 239 -17.94 4.49 0.59
CA CYS A 239 -19.06 3.87 -0.18
C CYS A 239 -20.37 4.06 0.58
N VAL A 240 -20.39 3.69 1.85
CA VAL A 240 -21.62 3.78 2.70
C VAL A 240 -22.06 5.24 2.80
N ASP A 241 -21.13 6.18 3.01
CA ASP A 241 -21.42 7.63 3.18
C ASP A 241 -21.96 8.19 1.85
N LEU A 242 -21.38 7.80 0.71
CA LEU A 242 -21.88 8.21 -0.63
C LEU A 242 -23.36 7.80 -0.76
N VAL A 243 -23.68 6.56 -0.39
CA VAL A 243 -25.05 6.01 -0.52
C VAL A 243 -26.01 6.78 0.42
N THR A 244 -25.68 6.95 1.70
CA THR A 244 -26.57 7.62 2.69
C THR A 244 -26.69 9.12 2.38
N SER A 245 -25.66 9.75 1.80
CA SER A 245 -25.68 11.19 1.44
C SER A 245 -26.72 11.45 0.33
N ALA A 246 -27.02 10.43 -0.47
CA ALA A 246 -28.02 10.46 -1.55
C ALA A 246 -29.41 10.12 -1.01
N GLY A 247 -29.54 9.88 0.29
CA GLY A 247 -30.83 9.57 0.94
C GLY A 247 -31.23 8.11 0.75
N LEU A 248 -30.27 7.24 0.43
CA LEU A 248 -30.51 5.79 0.20
C LEU A 248 -29.98 5.00 1.39
N VAL A 249 -30.44 3.75 1.48
CA VAL A 249 -29.95 2.74 2.45
C VAL A 249 -28.87 1.91 1.74
N PHE A 250 -27.76 1.64 2.41
CA PHE A 250 -26.76 0.64 1.98
C PHE A 250 -27.33 -0.76 2.22
N GLN A 251 -27.81 -1.41 1.17
CA GLN A 251 -28.47 -2.74 1.26
C GLN A 251 -27.43 -3.81 1.61
N GLY A 252 -26.28 -3.79 0.95
CA GLY A 252 -25.20 -4.77 1.18
C GLY A 252 -24.32 -4.97 -0.02
N TRP A 253 -23.51 -6.01 0.03
CA TRP A 253 -22.45 -6.32 -0.96
C TRP A 253 -22.98 -7.36 -1.93
N PHE A 254 -22.50 -7.35 -3.17
CA PHE A 254 -22.70 -8.47 -4.11
C PHE A 254 -21.87 -9.67 -3.65
N HIS A 255 -20.55 -9.47 -3.53
CA HIS A 255 -19.60 -10.45 -2.95
C HIS A 255 -19.36 -10.07 -1.49
N LYS A 256 -19.79 -10.91 -0.56
CA LYS A 256 -19.59 -10.71 0.90
C LYS A 256 -18.17 -11.11 1.31
N ALA A 257 -17.51 -12.02 0.57
CA ALA A 257 -16.24 -12.67 1.00
C ALA A 257 -15.22 -11.63 1.46
N PRO A 258 -14.95 -10.53 0.71
CA PRO A 258 -13.93 -9.57 1.13
C PRO A 258 -14.21 -8.84 2.46
N TYR A 259 -15.44 -8.87 2.95
CA TYR A 259 -15.91 -7.91 3.97
C TYR A 259 -16.13 -8.61 5.32
N TYR A 260 -15.94 -9.93 5.41
CA TYR A 260 -16.16 -10.72 6.65
C TYR A 260 -14.94 -11.60 6.95
N PRO A 261 -14.68 -11.88 8.24
CA PRO A 261 -13.75 -12.93 8.62
C PRO A 261 -14.24 -14.27 8.06
N HIS A 262 -13.36 -15.02 7.41
CA HIS A 262 -13.67 -16.34 6.78
C HIS A 262 -13.63 -17.43 7.86
N ASP A 263 -14.57 -17.39 8.81
CA ASP A 263 -14.61 -18.27 10.01
C ASP A 263 -14.85 -19.74 9.59
N PHE A 264 -15.34 -19.99 8.37
CA PHE A 264 -15.53 -21.34 7.79
C PHE A 264 -14.17 -22.02 7.58
N PHE A 265 -13.16 -21.27 7.14
CA PHE A 265 -11.77 -21.78 6.95
C PHE A 265 -10.99 -21.69 8.26
N VAL A 266 -11.24 -20.67 9.08
CA VAL A 266 -10.54 -20.49 10.38
C VAL A 266 -11.58 -20.33 11.48
N PRO A 267 -12.18 -21.43 11.99
CA PRO A 267 -13.10 -21.35 13.11
C PRO A 267 -12.31 -21.17 14.42
N ASN A 268 -12.96 -20.58 15.42
CA ASN A 268 -12.49 -20.51 16.83
C ASN A 268 -11.29 -19.56 16.96
N SER A 269 -11.11 -18.63 16.02
CA SER A 269 -10.14 -17.51 16.11
C SER A 269 -10.72 -16.43 17.03
N GLU A 270 -10.00 -16.10 18.10
CA GLU A 270 -10.37 -15.07 19.09
C GLU A 270 -10.33 -13.70 18.40
N PHE A 271 -9.39 -13.50 17.48
CA PHE A 271 -9.26 -12.26 16.69
C PHE A 271 -10.49 -12.09 15.80
N TYR A 272 -10.88 -13.10 15.03
CA TYR A 272 -12.09 -13.03 14.16
C TYR A 272 -13.34 -12.86 15.04
N ALA A 273 -13.39 -13.47 16.23
CA ALA A 273 -14.52 -13.29 17.18
C ALA A 273 -14.62 -11.81 17.57
N ALA A 274 -13.50 -11.16 17.84
CA ALA A 274 -13.43 -9.74 18.25
C ALA A 274 -13.89 -8.85 17.08
N VAL A 275 -13.55 -9.21 15.84
CA VAL A 275 -14.00 -8.47 14.61
C VAL A 275 -15.51 -8.69 14.43
N ASN A 276 -16.01 -9.91 14.62
CA ASN A 276 -17.47 -10.24 14.45
C ASN A 276 -18.31 -9.64 15.58
N THR A 277 -17.68 -9.08 16.62
CA THR A 277 -18.35 -8.32 17.72
C THR A 277 -18.78 -6.93 17.24
N LEU A 278 -18.01 -6.29 16.35
CA LEU A 278 -18.18 -4.88 15.93
C LEU A 278 -19.46 -4.74 15.13
N PRO A 279 -20.06 -3.52 15.10
CA PRO A 279 -21.18 -3.23 14.20
C PRO A 279 -20.73 -3.45 12.74
N GLU A 280 -21.65 -3.93 11.91
CA GLU A 280 -21.47 -4.35 10.50
C GLU A 280 -20.46 -3.44 9.78
N VAL A 281 -20.68 -2.12 9.77
CA VAL A 281 -19.89 -1.20 8.90
C VAL A 281 -18.45 -1.17 9.42
N LYS A 282 -18.26 -1.11 10.72
CA LYS A 282 -16.90 -1.04 11.34
C LYS A 282 -16.19 -2.37 11.05
N ALA A 283 -16.93 -3.48 11.07
CA ALA A 283 -16.41 -4.85 10.79
C ALA A 283 -15.95 -4.96 9.33
N TRP A 284 -16.79 -4.55 8.38
CA TRP A 284 -16.43 -4.46 6.94
C TRP A 284 -15.16 -3.60 6.79
N SER A 285 -15.09 -2.51 7.53
CA SER A 285 -14.00 -1.50 7.44
C SER A 285 -12.68 -2.16 7.83
N VAL A 286 -12.72 -2.98 8.88
CA VAL A 286 -11.57 -3.75 9.41
C VAL A 286 -11.13 -4.75 8.32
N MET A 287 -12.05 -5.53 7.77
CA MET A 287 -11.70 -6.62 6.84
C MET A 287 -11.14 -6.03 5.53
N GLU A 288 -11.57 -4.84 5.12
CA GLU A 288 -11.01 -4.18 3.92
C GLU A 288 -9.51 -3.95 4.12
N ARG A 289 -9.07 -3.71 5.36
CA ARG A 289 -7.66 -3.40 5.70
C ARG A 289 -6.85 -4.68 5.93
N LEU A 290 -7.50 -5.84 6.12
CA LEU A 290 -6.85 -7.16 6.29
C LEU A 290 -6.88 -7.95 4.97
N GLU A 291 -7.87 -7.73 4.13
CA GLU A 291 -8.07 -8.43 2.82
C GLU A 291 -7.94 -7.38 1.72
N THR A 292 -6.71 -7.18 1.20
CA THR A 292 -6.29 -6.02 0.39
C THR A 292 -6.14 -6.40 -1.09
N LEU A 293 -6.39 -7.64 -1.48
CA LEU A 293 -6.37 -8.07 -2.90
C LEU A 293 -7.59 -7.48 -3.62
N ASN A 294 -8.77 -7.57 -3.00
CA ASN A 294 -10.04 -7.04 -3.53
C ASN A 294 -9.87 -5.56 -3.88
N ALA A 295 -10.14 -5.21 -5.14
CA ALA A 295 -9.80 -3.88 -5.74
C ALA A 295 -11.07 -3.16 -6.23
N THR A 296 -12.24 -3.72 -5.98
CA THR A 296 -13.55 -3.14 -6.39
C THR A 296 -14.56 -3.31 -5.26
N HIS A 297 -15.42 -2.32 -5.08
CA HIS A 297 -16.60 -2.38 -4.17
C HIS A 297 -17.86 -2.53 -5.03
N LEU A 298 -18.46 -3.71 -5.03
CA LEU A 298 -19.73 -4.02 -5.74
C LEU A 298 -20.82 -4.02 -4.67
N PHE A 299 -21.70 -3.05 -4.69
CA PHE A 299 -22.68 -2.86 -3.59
C PHE A 299 -24.04 -2.47 -4.15
N MET A 300 -25.02 -2.61 -3.28
CA MET A 300 -26.44 -2.37 -3.61
C MET A 300 -26.96 -1.33 -2.62
N ALA A 301 -27.73 -0.39 -3.14
CA ALA A 301 -28.41 0.65 -2.35
C ALA A 301 -29.90 0.61 -2.70
N CYS A 302 -30.76 0.98 -1.76
CA CYS A 302 -32.22 1.00 -2.00
C CYS A 302 -32.83 2.15 -1.18
N ARG A 303 -34.13 2.37 -1.34
CA ARG A 303 -34.82 3.50 -0.70
C ARG A 303 -35.11 3.20 0.77
N ARG A 304 -35.19 4.25 1.59
CA ARG A 304 -35.51 4.19 3.03
C ARG A 304 -36.91 3.60 3.22
N ASP A 305 -37.82 3.76 2.25
CA ASP A 305 -39.25 3.37 2.41
C ASP A 305 -39.51 1.99 1.77
N ARG A 306 -38.47 1.28 1.33
CA ARG A 306 -38.59 -0.14 0.94
C ARG A 306 -38.69 -0.96 2.23
N PRO A 307 -39.74 -1.78 2.42
CA PRO A 307 -39.89 -2.52 3.67
C PRO A 307 -38.64 -3.40 3.90
N LYS A 308 -38.06 -3.30 5.11
CA LYS A 308 -36.78 -3.95 5.48
C LYS A 308 -36.87 -5.48 5.41
N GLU A 309 -38.06 -6.07 5.59
CA GLU A 309 -38.27 -7.55 5.54
C GLU A 309 -37.94 -8.08 4.14
N GLN A 310 -37.99 -7.24 3.11
CA GLN A 310 -37.74 -7.66 1.71
C GLN A 310 -36.27 -8.10 1.53
N TYR A 311 -35.34 -7.51 2.27
CA TYR A 311 -33.89 -7.61 1.92
C TYR A 311 -32.98 -7.80 3.14
N THR A 312 -33.47 -7.67 4.38
CA THR A 312 -32.62 -7.71 5.59
C THR A 312 -32.25 -9.17 5.86
N ILE A 313 -30.95 -9.45 5.83
CA ILE A 313 -30.40 -10.81 6.10
C ILE A 313 -29.64 -10.74 7.42
N ASP A 314 -30.12 -11.49 8.41
CA ASP A 314 -29.61 -11.44 9.80
C ASP A 314 -29.68 -12.87 10.36
N PHE A 315 -28.56 -13.58 10.35
CA PHE A 315 -28.48 -15.00 10.78
C PHE A 315 -28.50 -15.09 12.30
N SER A 316 -28.54 -13.97 13.04
CA SER A 316 -28.43 -13.93 14.53
C SER A 316 -29.78 -14.16 15.22
N THR A 317 -30.92 -14.04 14.52
CA THR A 317 -32.27 -14.17 15.14
C THR A 317 -32.95 -15.46 14.68
N VAL A 318 -34.05 -15.81 15.34
CA VAL A 318 -34.89 -17.02 15.07
C VAL A 318 -35.50 -16.96 13.66
N ALA A 319 -35.67 -15.77 13.07
CA ALA A 319 -36.26 -15.62 11.72
C ALA A 319 -35.36 -16.30 10.68
N ALA A 320 -34.06 -16.39 10.94
CA ALA A 320 -33.08 -17.01 10.02
C ALA A 320 -33.46 -18.48 9.73
N LEU A 321 -34.17 -19.15 10.64
CA LEU A 321 -34.56 -20.57 10.44
C LEU A 321 -35.60 -20.69 9.32
N ASP A 322 -36.26 -19.59 8.92
CA ASP A 322 -37.21 -19.55 7.78
C ASP A 322 -36.51 -19.18 6.48
N TYR A 323 -35.23 -18.80 6.52
CA TYR A 323 -34.43 -18.55 5.30
C TYR A 323 -34.32 -19.86 4.50
N VAL A 324 -34.47 -19.77 3.18
CA VAL A 324 -34.30 -20.87 2.20
C VAL A 324 -32.94 -20.69 1.53
N PRO A 325 -31.91 -21.47 1.88
CA PRO A 325 -30.62 -21.40 1.18
C PRO A 325 -30.75 -21.83 -0.28
N LEU A 326 -30.06 -21.15 -1.19
CA LEU A 326 -29.91 -21.58 -2.60
C LEU A 326 -28.48 -21.34 -3.05
N MET A 327 -27.97 -22.27 -3.86
CA MET A 327 -26.63 -22.20 -4.48
C MET A 327 -26.57 -20.93 -5.33
N ARG A 328 -25.49 -20.16 -5.19
CA ARG A 328 -25.19 -18.99 -6.05
C ARG A 328 -24.63 -19.46 -7.39
N THR A 329 -24.63 -18.59 -8.38
CA THR A 329 -24.20 -18.86 -9.77
C THR A 329 -22.86 -19.61 -9.73
N ARG A 330 -22.81 -20.79 -10.35
CA ARG A 330 -21.58 -21.62 -10.54
C ARG A 330 -21.04 -22.10 -9.18
N CYS A 331 -21.91 -22.31 -8.21
CA CYS A 331 -21.62 -22.94 -6.89
C CYS A 331 -22.47 -24.19 -6.74
N GLY A 332 -22.00 -25.19 -6.00
CA GLY A 332 -22.86 -26.34 -5.64
C GLY A 332 -22.08 -27.45 -4.96
N VAL A 333 -22.64 -28.66 -5.05
CA VAL A 333 -22.11 -29.91 -4.45
C VAL A 333 -22.00 -30.94 -5.57
N SER A 334 -20.83 -31.57 -5.69
CA SER A 334 -20.51 -32.73 -6.55
C SER A 334 -19.91 -33.82 -5.65
N GLY A 335 -20.69 -34.84 -5.27
CA GLY A 335 -20.25 -35.88 -4.32
C GLY A 335 -19.88 -35.28 -2.98
N THR A 336 -18.63 -35.49 -2.54
CA THR A 336 -18.11 -35.07 -1.20
C THR A 336 -17.40 -33.72 -1.31
N ASP A 337 -17.44 -33.07 -2.48
CA ASP A 337 -16.86 -31.73 -2.72
C ASP A 337 -17.97 -30.68 -2.82
N MET A 338 -17.72 -29.48 -2.27
CA MET A 338 -18.47 -28.23 -2.54
C MET A 338 -17.59 -27.37 -3.46
N PHE A 339 -18.18 -26.61 -4.40
CA PHE A 339 -17.40 -25.79 -5.37
C PHE A 339 -17.96 -24.36 -5.45
N TRP A 340 -17.04 -23.41 -5.56
CA TRP A 340 -17.26 -22.01 -6.02
C TRP A 340 -16.82 -21.92 -7.47
N PRO A 341 -16.95 -20.75 -8.14
CA PRO A 341 -16.25 -20.54 -9.41
C PRO A 341 -14.73 -20.57 -9.16
N GLY A 342 -14.04 -21.57 -9.71
CA GLY A 342 -12.56 -21.67 -9.76
C GLY A 342 -11.92 -22.16 -8.48
N TRP A 343 -12.69 -22.75 -7.55
CA TRP A 343 -12.17 -23.28 -6.25
C TRP A 343 -13.09 -24.42 -5.78
N ARG A 344 -12.49 -25.54 -5.35
CA ARG A 344 -13.16 -26.76 -4.82
C ARG A 344 -12.54 -27.14 -3.48
N MET A 345 -13.31 -27.80 -2.61
CA MET A 345 -12.81 -28.40 -1.34
C MET A 345 -13.84 -29.38 -0.80
N ALA A 346 -13.39 -30.23 0.12
CA ALA A 346 -14.19 -31.21 0.88
C ALA A 346 -14.55 -30.61 2.24
N PRO A 347 -15.84 -30.32 2.52
CA PRO A 347 -16.24 -29.92 3.88
C PRO A 347 -16.25 -31.17 4.79
N SER A 348 -16.34 -30.96 6.11
CA SER A 348 -16.55 -32.03 7.11
C SER A 348 -17.78 -32.86 6.71
N PRO A 349 -17.85 -34.16 7.04
CA PRO A 349 -19.05 -34.96 6.77
C PRO A 349 -20.34 -34.32 7.30
N ALA A 350 -20.30 -33.71 8.49
CA ALA A 350 -21.46 -33.06 9.14
C ALA A 350 -21.89 -31.82 8.34
N GLN A 351 -20.94 -31.13 7.70
CA GLN A 351 -21.22 -29.93 6.87
C GLN A 351 -21.88 -30.38 5.56
N LEU A 352 -21.28 -31.37 4.90
CA LEU A 352 -21.77 -31.95 3.61
C LEU A 352 -23.23 -32.37 3.77
N ALA A 353 -23.56 -33.06 4.86
CA ALA A 353 -24.93 -33.55 5.17
C ALA A 353 -25.94 -32.40 5.03
N PHE A 354 -25.59 -31.17 5.46
CA PHE A 354 -26.48 -29.99 5.39
C PHE A 354 -26.55 -29.49 3.94
N LEU A 355 -25.40 -29.47 3.25
CA LEU A 355 -25.30 -28.90 1.87
C LEU A 355 -26.06 -29.78 0.87
N GLN A 356 -26.13 -31.09 1.12
CA GLN A 356 -26.83 -32.07 0.25
C GLN A 356 -28.35 -31.85 0.27
N GLN A 357 -28.86 -31.10 1.26
CA GLN A 357 -30.31 -30.85 1.47
C GLN A 357 -30.69 -29.46 0.94
N VAL A 358 -29.74 -28.69 0.41
CA VAL A 358 -30.02 -27.40 -0.27
C VAL A 358 -30.61 -27.70 -1.65
N ASP A 359 -31.86 -27.28 -1.87
CA ASP A 359 -32.60 -27.46 -3.15
C ASP A 359 -33.23 -26.14 -3.60
N GLY A 360 -33.07 -25.07 -2.82
CA GLY A 360 -33.68 -23.76 -3.09
C GLY A 360 -35.16 -23.71 -2.71
N ARG A 361 -35.65 -24.72 -1.99
CA ARG A 361 -37.06 -24.79 -1.52
C ARG A 361 -37.12 -24.99 0.00
N ARG A 362 -36.28 -25.86 0.57
CA ARG A 362 -36.27 -26.18 2.02
C ARG A 362 -35.69 -25.00 2.82
N THR A 363 -36.27 -24.72 3.98
CA THR A 363 -35.76 -23.73 4.96
C THR A 363 -34.61 -24.36 5.74
N ILE A 364 -33.88 -23.54 6.49
CA ILE A 364 -32.77 -23.99 7.37
C ILE A 364 -33.35 -24.94 8.43
N ARG A 365 -34.53 -24.62 8.98
CA ARG A 365 -35.25 -25.48 9.97
C ARG A 365 -35.52 -26.85 9.32
N GLU A 366 -36.13 -26.84 8.13
CA GLU A 366 -36.49 -28.06 7.36
C GLU A 366 -35.23 -28.88 7.08
N ILE A 367 -34.14 -28.23 6.66
CA ILE A 367 -32.84 -28.90 6.34
C ILE A 367 -32.34 -29.64 7.58
N ALA A 368 -32.34 -28.98 8.74
CA ALA A 368 -31.94 -29.58 10.04
C ALA A 368 -32.83 -30.79 10.33
N GLY A 369 -34.14 -30.68 10.04
CA GLY A 369 -35.12 -31.77 10.14
C GLY A 369 -34.71 -32.99 9.34
N CYS A 370 -34.32 -32.78 8.07
CA CYS A 370 -33.96 -33.87 7.13
C CYS A 370 -32.67 -34.56 7.56
N VAL A 371 -31.71 -33.80 8.09
CA VAL A 371 -30.41 -34.33 8.61
C VAL A 371 -30.71 -35.17 9.86
N ALA A 372 -31.60 -34.70 10.73
CA ALA A 372 -32.01 -35.36 12.00
C ALA A 372 -32.55 -36.77 11.73
N ARG A 373 -33.16 -37.01 10.56
CA ARG A 373 -33.66 -38.34 10.09
C ARG A 373 -32.55 -39.04 9.28
N THR A 374 -31.34 -39.14 9.86
CA THR A 374 -30.11 -39.74 9.26
C THR A 374 -29.04 -39.89 10.35
N SER A 381 -29.33 -33.38 19.00
CA SER A 381 -30.78 -33.06 19.10
C SER A 381 -31.22 -32.17 17.93
N LEU A 382 -32.51 -31.86 17.83
CA LEU A 382 -33.03 -30.98 16.75
C LEU A 382 -32.52 -29.55 16.97
N ALA A 383 -32.57 -29.05 18.20
CA ALA A 383 -32.10 -27.70 18.61
C ALA A 383 -30.63 -27.51 18.20
N ASP A 384 -29.79 -28.52 18.42
CA ASP A 384 -28.33 -28.50 18.12
C ASP A 384 -28.11 -28.43 16.60
N LEU A 385 -28.90 -29.17 15.81
CA LEU A 385 -28.77 -29.24 14.33
C LEU A 385 -29.29 -27.94 13.70
N GLU A 386 -30.36 -27.36 14.25
CA GLU A 386 -30.90 -26.05 13.80
C GLU A 386 -29.84 -24.96 14.04
N GLU A 387 -29.14 -25.05 15.17
CA GLU A 387 -28.05 -24.12 15.58
C GLU A 387 -26.87 -24.28 14.62
N PHE A 388 -26.47 -25.52 14.34
CA PHE A 388 -25.34 -25.85 13.42
C PHE A 388 -25.70 -25.39 12.01
N GLY A 389 -26.95 -25.56 11.60
CA GLY A 389 -27.48 -25.13 10.29
C GLY A 389 -27.41 -23.62 10.13
N ARG A 390 -27.94 -22.88 11.10
CA ARG A 390 -27.95 -21.40 11.12
C ARG A 390 -26.51 -20.88 10.97
N LYS A 391 -25.58 -21.37 11.80
CA LYS A 391 -24.16 -20.95 11.82
C LYS A 391 -23.51 -21.31 10.48
N LEU A 392 -23.76 -22.51 9.96
CA LEU A 392 -23.11 -22.98 8.71
C LEU A 392 -23.55 -22.07 7.55
N PHE A 393 -24.84 -21.80 7.43
CA PHE A 393 -25.40 -21.03 6.30
C PHE A 393 -25.01 -19.54 6.43
N GLN A 394 -24.87 -19.03 7.66
CA GLN A 394 -24.26 -17.70 7.94
C GLN A 394 -22.86 -17.65 7.36
N SER A 395 -22.01 -18.63 7.68
CA SER A 395 -20.60 -18.71 7.25
C SER A 395 -20.52 -18.74 5.72
N LEU A 396 -21.39 -19.52 5.07
CA LEU A 396 -21.33 -19.76 3.61
C LEU A 396 -22.02 -18.64 2.84
N TRP A 397 -22.97 -17.93 3.48
CA TRP A 397 -23.57 -16.70 2.90
C TRP A 397 -22.47 -15.64 2.84
N ARG A 398 -21.67 -15.51 3.89
CA ARG A 398 -20.57 -14.51 3.95
C ARG A 398 -19.45 -14.89 2.97
N LEU A 399 -19.42 -16.13 2.50
CA LEU A 399 -18.39 -16.61 1.53
C LEU A 399 -18.99 -16.79 0.13
N ASP A 400 -20.22 -16.31 -0.10
CA ASP A 400 -20.79 -16.19 -1.47
C ASP A 400 -21.03 -17.59 -2.06
N PHE A 401 -21.28 -18.58 -1.20
CA PHE A 401 -21.63 -19.96 -1.61
C PHE A 401 -23.15 -20.11 -1.74
N VAL A 402 -23.91 -19.59 -0.77
CA VAL A 402 -25.41 -19.60 -0.82
C VAL A 402 -25.95 -18.18 -0.70
N ALA A 403 -27.01 -17.90 -1.46
CA ALA A 403 -27.96 -16.80 -1.21
C ALA A 403 -29.08 -17.34 -0.32
N VAL A 404 -29.99 -16.47 0.11
CA VAL A 404 -31.18 -16.86 0.91
C VAL A 404 -32.42 -16.21 0.28
N ALA A 405 -33.48 -17.01 0.10
CA ALA A 405 -34.84 -16.53 -0.22
C ALA A 405 -35.52 -16.18 1.10
N LEU A 406 -36.06 -14.96 1.20
CA LEU A 406 -36.81 -14.46 2.38
C LEU A 406 -38.30 -14.68 2.12
N PRO A 407 -39.14 -14.86 3.17
CA PRO A 407 -40.59 -14.94 3.01
C PRO A 407 -41.16 -13.80 2.16
N ALA A 408 -42.07 -14.12 1.23
CA ALA A 408 -42.79 -13.19 0.31
C ALA A 408 -43.21 -11.88 1.03
N TRP B 21 7.66 -1.67 29.35
CA TRP B 21 8.02 -1.87 27.93
C TRP B 21 8.93 -0.72 27.45
N LEU B 22 10.22 -0.77 27.78
CA LEU B 22 11.25 0.20 27.30
C LEU B 22 11.50 -0.04 25.81
N TYR B 23 11.46 1.01 24.99
CA TYR B 23 11.83 0.97 23.55
C TYR B 23 12.80 2.12 23.25
N PRO B 24 13.89 1.93 22.48
CA PRO B 24 14.31 0.62 21.97
C PRO B 24 14.74 -0.36 23.06
N HIS B 25 14.81 -1.64 22.71
CA HIS B 25 15.19 -2.74 23.63
C HIS B 25 16.52 -2.37 24.26
N PRO B 26 16.60 -2.29 25.62
CA PRO B 26 17.84 -1.94 26.29
C PRO B 26 18.97 -2.92 25.98
N ILE B 27 20.15 -2.40 25.65
CA ILE B 27 21.41 -3.16 25.41
C ILE B 27 22.12 -3.31 26.76
N ALA B 28 22.55 -4.52 27.11
CA ALA B 28 23.19 -4.85 28.42
C ALA B 28 24.67 -4.44 28.42
N ASP B 29 25.35 -4.56 27.27
CA ASP B 29 26.82 -4.49 27.16
C ASP B 29 27.22 -3.96 25.78
N LEU B 30 27.87 -2.79 25.73
CA LEU B 30 28.28 -2.10 24.49
C LEU B 30 29.53 -2.76 23.89
N GLU B 31 30.35 -3.44 24.70
CA GLU B 31 31.57 -4.14 24.21
C GLU B 31 31.13 -5.27 23.26
N ALA B 32 30.09 -6.02 23.63
CA ALA B 32 29.48 -7.09 22.79
C ALA B 32 28.73 -6.48 21.60
N TRP B 33 27.88 -5.47 21.86
CA TRP B 33 27.01 -4.86 20.82
C TRP B 33 27.85 -4.22 19.70
N THR B 34 28.94 -3.53 20.04
CA THR B 34 29.74 -2.67 19.13
C THR B 34 30.71 -3.49 18.27
N THR B 35 31.04 -4.73 18.62
CA THR B 35 31.88 -5.61 17.76
C THR B 35 31.02 -6.21 16.65
N ALA B 36 29.71 -6.36 16.88
CA ALA B 36 28.73 -6.98 15.95
C ALA B 36 27.94 -5.92 15.16
N ASN B 37 27.61 -4.79 15.78
CA ASN B 37 26.66 -3.79 15.21
C ASN B 37 27.31 -2.41 15.15
N TRP B 38 26.63 -1.47 14.49
CA TRP B 38 27.07 -0.06 14.36
C TRP B 38 25.85 0.85 14.12
N GLU B 39 25.98 2.10 14.55
CA GLU B 39 25.00 3.17 14.31
C GLU B 39 25.33 3.82 12.97
N TRP B 40 24.31 3.96 12.10
CA TRP B 40 24.42 4.58 10.76
C TRP B 40 25.23 5.89 10.85
N PHE B 41 24.87 6.77 11.79
CA PHE B 41 25.31 8.18 11.83
C PHE B 41 26.48 8.37 12.80
N ASP B 42 27.04 7.27 13.30
CA ASP B 42 28.29 7.29 14.10
C ASP B 42 29.40 7.86 13.22
N PRO B 43 29.99 9.03 13.56
CA PRO B 43 31.03 9.62 12.72
C PRO B 43 32.29 8.74 12.59
N VAL B 44 32.54 7.80 13.52
CA VAL B 44 33.67 6.84 13.40
C VAL B 44 33.53 6.10 12.07
N HIS B 45 32.29 5.76 11.68
CA HIS B 45 31.98 4.95 10.47
C HIS B 45 31.63 5.85 9.28
N SER B 46 30.92 6.95 9.52
CA SER B 46 30.17 7.67 8.46
C SER B 46 30.65 9.13 8.31
N HIS B 47 31.82 9.48 8.83
CA HIS B 47 32.35 10.87 8.79
C HIS B 47 32.40 11.37 7.33
N ARG B 48 32.81 10.53 6.38
CA ARG B 48 33.01 10.97 4.96
C ARG B 48 31.66 11.23 4.28
N ILE B 49 30.58 10.67 4.81
CA ILE B 49 29.23 10.86 4.23
C ILE B 49 28.67 12.18 4.77
N LEU B 50 28.92 12.49 6.04
CA LEU B 50 28.45 13.75 6.69
C LEU B 50 29.28 14.94 6.19
N TRP B 51 30.61 14.80 6.25
CA TRP B 51 31.60 15.82 5.81
C TRP B 51 32.57 15.18 4.81
N PRO B 52 32.22 15.15 3.50
CA PRO B 52 33.09 14.59 2.47
C PRO B 52 34.49 15.22 2.34
N ASP B 53 34.65 16.47 2.76
CA ASP B 53 35.87 17.31 2.49
C ASP B 53 36.93 17.19 3.59
N ARG B 54 36.80 16.28 4.56
CA ARG B 54 37.74 16.25 5.72
C ARG B 54 37.82 14.84 6.34
N GLU B 55 38.93 14.60 7.03
CA GLU B 55 39.26 13.38 7.81
C GLU B 55 38.32 13.27 9.02
N TYR B 56 38.22 12.09 9.62
CA TYR B 56 37.58 11.85 10.94
C TYR B 56 38.12 12.87 11.95
N ARG B 57 37.23 13.49 12.72
CA ARG B 57 37.57 14.38 13.87
C ARG B 57 37.09 13.68 15.14
N PRO B 58 38.01 13.31 16.06
CA PRO B 58 37.62 12.58 17.27
C PRO B 58 36.96 13.46 18.36
N ASP B 59 37.02 14.79 18.23
CA ASP B 59 36.70 15.75 19.33
C ASP B 59 35.44 16.56 18.97
N LEU B 60 34.50 15.96 18.24
CA LEU B 60 33.21 16.63 17.85
C LEU B 60 32.39 16.92 19.10
N ASP B 61 31.58 17.97 19.03
CA ASP B 61 30.44 18.22 19.95
C ASP B 61 29.19 17.60 19.30
N ILE B 62 28.61 16.59 19.94
CA ILE B 62 27.51 15.76 19.35
C ILE B 62 26.27 15.90 20.23
N LEU B 63 25.14 16.30 19.63
CA LEU B 63 23.80 16.29 20.29
C LEU B 63 23.04 15.08 19.79
N ILE B 64 22.56 14.24 20.71
CA ILE B 64 21.58 13.15 20.42
C ILE B 64 20.21 13.61 20.92
N ALA B 65 19.36 14.09 20.00
CA ALA B 65 18.08 14.76 20.30
C ALA B 65 16.97 13.70 20.26
N GLY B 66 16.64 13.15 21.42
CA GLY B 66 15.73 11.99 21.57
C GLY B 66 16.53 10.70 21.53
N CYS B 67 17.37 10.49 22.53
CA CYS B 67 18.44 9.44 22.54
C CYS B 67 17.85 8.03 22.80
N GLY B 68 16.62 7.94 23.31
CA GLY B 68 16.03 6.67 23.76
C GLY B 68 16.96 5.98 24.74
N THR B 69 17.05 4.65 24.68
CA THR B 69 17.66 3.81 25.74
C THR B 69 19.17 3.65 25.53
N ASN B 70 19.65 3.62 24.29
CA ASN B 70 21.00 3.11 23.93
C ASN B 70 21.85 4.12 23.16
N GLN B 71 21.25 4.87 22.25
CA GLN B 71 21.96 5.53 21.11
C GLN B 71 23.09 6.45 21.62
N ALA B 72 22.84 7.33 22.59
CA ALA B 72 23.82 8.35 23.01
C ALA B 72 25.02 7.65 23.65
N ALA B 73 24.78 6.64 24.49
CA ALA B 73 25.83 5.82 25.12
C ALA B 73 26.71 5.19 24.03
N ILE B 74 26.13 4.66 22.96
CA ILE B 74 26.92 4.04 21.85
C ILE B 74 27.84 5.11 21.26
N PHE B 75 27.32 6.29 20.95
CA PHE B 75 28.12 7.38 20.31
C PHE B 75 29.29 7.72 21.23
N ALA B 76 29.04 7.86 22.54
CA ALA B 76 30.04 8.25 23.56
C ALA B 76 31.11 7.14 23.70
N PHE B 77 30.70 5.88 23.55
CA PHE B 77 31.55 4.68 23.67
C PHE B 77 32.53 4.59 22.50
N THR B 78 32.05 4.87 21.28
CA THR B 78 32.84 4.75 20.02
C THR B 78 33.66 6.03 19.77
N ASN B 79 33.23 7.18 20.32
CA ASN B 79 33.93 8.49 20.18
C ASN B 79 34.29 9.01 21.58
N ARG B 80 35.36 8.45 22.16
CA ARG B 80 35.73 8.65 23.59
C ARG B 80 36.17 10.09 23.85
N ALA B 81 36.72 10.76 22.82
CA ALA B 81 37.26 12.14 22.91
C ALA B 81 36.19 13.16 22.50
N ALA B 82 35.01 12.71 22.07
CA ALA B 82 33.87 13.58 21.69
C ALA B 82 33.06 13.92 22.95
N LYS B 83 32.49 15.13 23.01
CA LYS B 83 31.51 15.54 24.06
C LYS B 83 30.11 15.23 23.51
N VAL B 84 29.43 14.25 24.10
CA VAL B 84 28.07 13.79 23.67
C VAL B 84 27.04 14.32 24.68
N VAL B 85 26.10 15.11 24.19
CA VAL B 85 24.96 15.64 25.00
C VAL B 85 23.70 14.97 24.47
N ALA B 86 22.92 14.38 25.36
CA ALA B 86 21.74 13.57 24.99
C ALA B 86 20.53 14.12 25.74
N ILE B 87 19.40 14.23 25.04
CA ILE B 87 18.11 14.66 25.63
C ILE B 87 17.02 13.64 25.28
N ASP B 88 16.12 13.39 26.24
CA ASP B 88 14.89 12.60 26.03
C ASP B 88 13.84 13.10 27.04
N ILE B 89 12.55 12.84 26.79
CA ILE B 89 11.44 13.21 27.72
C ILE B 89 11.11 12.02 28.63
N SER B 90 11.72 10.85 28.38
CA SER B 90 11.47 9.58 29.11
C SER B 90 12.56 9.35 30.17
N ARG B 91 12.20 9.35 31.45
CA ARG B 91 13.15 9.13 32.56
C ARG B 91 13.71 7.70 32.48
N PRO B 92 12.89 6.65 32.29
CA PRO B 92 13.40 5.28 32.18
C PRO B 92 14.46 5.13 31.08
N ALA B 93 14.24 5.76 29.92
CA ALA B 93 15.19 5.76 28.78
C ALA B 93 16.54 6.34 29.23
N LEU B 94 16.53 7.52 29.85
CA LEU B 94 17.78 8.18 30.34
C LEU B 94 18.40 7.34 31.46
N ASP B 95 17.58 6.66 32.25
CA ASP B 95 18.05 5.76 33.34
C ASP B 95 18.91 4.64 32.74
N HIS B 96 18.56 4.13 31.56
CA HIS B 96 19.38 3.08 30.89
C HIS B 96 20.66 3.70 30.31
N GLN B 97 20.60 4.92 29.76
CA GLN B 97 21.81 5.62 29.28
C GLN B 97 22.78 5.75 30.47
N GLN B 98 22.26 6.08 31.66
CA GLN B 98 23.04 6.25 32.92
C GLN B 98 23.69 4.91 33.30
N TYR B 99 22.92 3.82 33.28
CA TYR B 99 23.43 2.44 33.52
C TYR B 99 24.63 2.17 32.62
N LEU B 100 24.48 2.41 31.32
CA LEU B 100 25.56 2.23 30.30
C LEU B 100 26.72 3.20 30.59
N LYS B 101 26.41 4.42 30.99
CA LYS B 101 27.41 5.45 31.38
C LYS B 101 28.28 4.90 32.53
N ASP B 102 27.64 4.39 33.58
CA ASP B 102 28.33 3.92 34.82
C ASP B 102 29.12 2.65 34.52
N LYS B 103 28.52 1.69 33.80
CA LYS B 103 29.14 0.39 33.41
C LYS B 103 30.43 0.62 32.63
N HIS B 104 30.44 1.55 31.68
CA HIS B 104 31.52 1.74 30.66
C HIS B 104 32.33 3.01 30.91
N GLY B 105 32.06 3.75 31.99
CA GLY B 105 32.78 4.98 32.37
C GLY B 105 32.73 6.05 31.28
N LEU B 106 31.54 6.33 30.75
CA LEU B 106 31.33 7.30 29.64
C LEU B 106 31.26 8.73 30.22
N ALA B 107 32.38 9.23 30.75
CA ALA B 107 32.48 10.57 31.39
C ALA B 107 32.17 11.65 30.35
N ASN B 108 32.26 11.32 29.07
CA ASN B 108 32.01 12.26 27.93
C ASN B 108 30.52 12.32 27.56
N LEU B 109 29.64 11.66 28.34
CA LEU B 109 28.19 11.62 28.07
C LEU B 109 27.43 12.43 29.13
N GLU B 110 26.70 13.46 28.69
CA GLU B 110 25.89 14.34 29.56
C GLU B 110 24.40 14.14 29.19
N LEU B 111 23.56 13.81 30.17
CA LEU B 111 22.14 13.43 29.96
C LEU B 111 21.21 14.51 30.53
N HIS B 112 20.13 14.82 29.82
CA HIS B 112 19.07 15.75 30.32
C HIS B 112 17.68 15.20 30.02
N LEU B 113 16.77 15.31 31.00
CA LEU B 113 15.31 15.17 30.77
C LEU B 113 14.80 16.50 30.20
N LEU B 114 14.71 16.59 28.88
CA LEU B 114 14.48 17.85 28.15
C LEU B 114 13.81 17.53 26.82
N PRO B 115 12.67 18.16 26.48
CA PRO B 115 12.10 18.03 25.15
C PRO B 115 12.91 18.85 24.13
N ILE B 116 12.95 18.41 22.87
CA ILE B 116 13.58 19.16 21.74
C ILE B 116 13.12 20.61 21.76
N GLU B 117 11.86 20.88 22.13
CA GLU B 117 11.24 22.23 22.15
C GLU B 117 12.01 23.18 23.09
N GLU B 118 12.75 22.66 24.07
CA GLU B 118 13.44 23.45 25.11
C GLU B 118 14.96 23.35 24.98
N LEU B 119 15.48 22.92 23.81
CA LEU B 119 16.93 22.71 23.56
C LEU B 119 17.73 23.99 23.86
N ALA B 120 17.16 25.16 23.57
CA ALA B 120 17.87 26.44 23.71
C ALA B 120 18.29 26.66 25.17
N THR B 121 17.62 26.04 26.16
CA THR B 121 17.97 26.16 27.60
C THR B 121 19.40 25.65 27.84
N LEU B 122 19.93 24.76 26.98
CA LEU B 122 21.29 24.21 27.13
C LEU B 122 22.35 25.24 26.71
N GLY B 123 21.97 26.23 25.90
CA GLY B 123 22.84 27.36 25.50
C GLY B 123 24.06 26.91 24.71
N ARG B 124 23.92 25.88 23.88
CA ARG B 124 25.05 25.23 23.16
C ARG B 124 24.69 24.94 21.71
N ASP B 125 25.68 25.02 20.82
CA ASP B 125 25.57 24.52 19.42
C ASP B 125 26.52 23.34 19.26
N PHE B 126 26.42 22.63 18.14
CA PHE B 126 27.02 21.28 17.93
C PHE B 126 27.50 21.12 16.49
N ASP B 127 28.48 20.24 16.30
CA ASP B 127 29.01 19.85 14.97
C ASP B 127 28.07 18.83 14.34
N LEU B 128 27.49 17.94 15.15
CA LEU B 128 26.59 16.84 14.71
C LEU B 128 25.36 16.79 15.62
N VAL B 129 24.18 16.83 15.01
CA VAL B 129 22.87 16.69 15.71
C VAL B 129 22.20 15.45 15.15
N VAL B 130 22.07 14.40 15.95
CA VAL B 130 21.40 13.14 15.52
C VAL B 130 20.00 13.12 16.14
N SER B 131 18.97 12.99 15.30
CA SER B 131 17.57 12.85 15.75
C SER B 131 16.88 11.77 14.92
N THR B 132 17.00 10.51 15.33
CA THR B 132 16.52 9.33 14.55
C THR B 132 15.25 8.74 15.18
N GLY B 133 14.14 8.80 14.44
CA GLY B 133 12.85 8.16 14.79
C GLY B 133 12.13 8.91 15.90
N VAL B 134 12.26 10.24 15.93
CA VAL B 134 11.86 11.14 17.06
C VAL B 134 10.87 12.21 16.59
N LEU B 135 11.14 12.86 15.46
CA LEU B 135 10.51 14.16 15.11
C LEU B 135 8.99 14.03 14.91
N HIS B 136 8.49 12.90 14.39
CA HIS B 136 7.03 12.66 14.21
C HIS B 136 6.26 12.66 15.55
N HIS B 137 6.87 12.17 16.64
CA HIS B 137 6.28 12.14 18.01
C HIS B 137 6.02 13.56 18.54
N LEU B 138 6.55 14.60 17.87
CA LEU B 138 6.35 16.01 18.29
C LEU B 138 4.98 16.54 17.82
N ALA B 139 4.38 17.42 18.62
CA ALA B 139 3.19 18.23 18.28
C ALA B 139 3.45 18.97 16.97
N ASP B 140 4.66 19.52 16.80
CA ASP B 140 5.06 20.31 15.60
C ASP B 140 6.43 19.84 15.12
N PRO B 141 6.51 18.82 14.23
CA PRO B 141 7.79 18.36 13.70
C PRO B 141 8.65 19.47 13.11
N ARG B 142 8.03 20.47 12.43
CA ARG B 142 8.79 21.56 11.75
C ARG B 142 9.42 22.50 12.79
N ALA B 143 8.75 22.75 13.91
CA ALA B 143 9.30 23.54 15.05
C ALA B 143 10.45 22.76 15.70
N GLY B 144 10.35 21.43 15.73
CA GLY B 144 11.44 20.56 16.21
C GLY B 144 12.70 20.76 15.38
N MET B 145 12.58 20.68 14.06
CA MET B 145 13.73 20.80 13.12
C MET B 145 14.33 22.22 13.22
N LYS B 146 13.47 23.23 13.42
CA LYS B 146 13.88 24.65 13.61
C LYS B 146 14.79 24.74 14.85
N GLU B 147 14.45 24.06 15.95
CA GLU B 147 15.26 24.08 17.21
C GLU B 147 16.58 23.35 16.99
N LEU B 148 16.59 22.25 16.24
CA LEU B 148 17.85 21.56 15.86
C LEU B 148 18.70 22.53 15.03
N ALA B 149 18.12 23.24 14.06
CA ALA B 149 18.83 24.19 13.18
C ALA B 149 19.52 25.27 14.04
N HIS B 150 18.83 25.76 15.07
CA HIS B 150 19.31 26.85 15.96
C HIS B 150 20.51 26.36 16.79
N CYS B 151 20.76 25.05 16.88
CA CYS B 151 21.87 24.46 17.69
C CYS B 151 22.96 23.89 16.79
N LEU B 152 22.97 24.25 15.51
CA LEU B 152 23.89 23.68 14.50
C LEU B 152 24.95 24.73 14.13
N ARG B 153 26.23 24.38 14.23
CA ARG B 153 27.35 25.28 13.82
C ARG B 153 27.40 25.36 12.30
N ARG B 154 28.13 26.35 11.78
CA ARG B 154 28.25 26.68 10.34
C ARG B 154 28.41 25.39 9.51
N ASP B 155 29.32 24.49 9.91
CA ASP B 155 29.71 23.28 9.13
C ASP B 155 29.10 22.03 9.76
N GLY B 156 28.13 22.18 10.64
CA GLY B 156 27.49 21.03 11.31
C GLY B 156 26.48 20.34 10.42
N VAL B 157 26.07 19.12 10.79
CA VAL B 157 25.04 18.31 10.06
C VAL B 157 23.99 17.85 11.05
N VAL B 158 22.71 17.96 10.65
CA VAL B 158 21.57 17.25 11.29
C VAL B 158 21.41 15.94 10.54
N ALA B 159 21.55 14.81 11.26
CA ALA B 159 21.28 13.45 10.77
C ALA B 159 19.95 12.99 11.37
N ALA B 160 18.95 12.76 10.51
CA ALA B 160 17.56 12.52 10.95
C ALA B 160 17.04 11.23 10.32
N MET B 161 16.06 10.60 10.97
CA MET B 161 15.24 9.52 10.39
C MET B 161 13.77 9.88 10.58
N LEU B 162 13.00 9.83 9.49
CA LEU B 162 11.52 9.84 9.49
C LEU B 162 11.04 8.55 8.83
N TYR B 163 9.84 8.10 9.20
CA TYR B 163 9.22 6.89 8.60
C TYR B 163 8.75 7.27 7.20
N GLY B 164 8.88 6.36 6.24
CA GLY B 164 8.51 6.56 4.83
C GLY B 164 7.10 6.08 4.56
N LYS B 165 6.30 6.89 3.85
CA LYS B 165 4.86 6.65 3.61
C LYS B 165 4.62 5.27 2.97
N TYR B 166 5.27 4.94 1.85
CA TYR B 166 4.88 3.78 1.01
C TYR B 166 5.44 2.47 1.58
N GLY B 167 6.54 2.52 2.33
CA GLY B 167 7.11 1.34 3.00
C GLY B 167 6.34 0.95 4.25
N ARG B 168 5.50 1.84 4.81
CA ARG B 168 4.81 1.70 6.12
C ARG B 168 3.31 1.45 5.95
N ILE B 169 2.83 1.25 4.73
CA ILE B 169 1.39 1.03 4.43
C ILE B 169 0.84 -0.09 5.34
N GLY B 170 1.54 -1.23 5.37
CA GLY B 170 1.16 -2.41 6.15
C GLY B 170 1.00 -2.10 7.62
N VAL B 171 1.94 -1.36 8.20
CA VAL B 171 1.97 -1.00 9.64
C VAL B 171 0.75 -0.11 9.92
N GLU B 172 0.50 0.87 9.07
CA GLU B 172 -0.61 1.84 9.24
C GLU B 172 -1.94 1.09 9.11
N LEU B 173 -2.06 0.16 8.17
CA LEU B 173 -3.29 -0.67 8.00
C LEU B 173 -3.59 -1.44 9.30
N LEU B 174 -2.64 -2.20 9.84
CA LEU B 174 -2.90 -3.07 11.02
C LEU B 174 -3.05 -2.22 12.28
N GLY B 175 -2.19 -1.21 12.46
CA GLY B 175 -2.29 -0.24 13.57
C GLY B 175 -3.71 0.31 13.68
N SER B 176 -4.29 0.74 12.56
CA SER B 176 -5.63 1.40 12.52
C SER B 176 -6.70 0.36 12.87
N VAL B 177 -6.50 -0.91 12.49
CA VAL B 177 -7.43 -2.02 12.82
C VAL B 177 -7.42 -2.23 14.33
N PHE B 178 -6.23 -2.27 14.94
CA PHE B 178 -6.02 -2.49 16.40
C PHE B 178 -6.67 -1.34 17.17
N ARG B 179 -6.60 -0.10 16.67
CA ARG B 179 -7.23 1.05 17.37
C ARG B 179 -8.76 0.94 17.28
N ASP B 180 -9.30 0.51 16.13
CA ASP B 180 -10.76 0.36 15.92
C ASP B 180 -11.33 -0.80 16.76
N LEU B 181 -10.48 -1.75 17.20
CA LEU B 181 -10.86 -2.89 18.10
C LEU B 181 -10.59 -2.53 19.56
N GLY B 182 -10.05 -1.34 19.83
CA GLY B 182 -9.82 -0.81 21.19
C GLY B 182 -8.68 -1.50 21.91
N LEU B 183 -7.71 -2.04 21.17
CA LEU B 183 -6.55 -2.78 21.75
C LEU B 183 -5.57 -1.78 22.37
N GLY B 184 -4.96 -2.16 23.49
CA GLY B 184 -3.92 -1.38 24.19
C GLY B 184 -2.64 -2.18 24.34
N GLN B 185 -1.95 -1.99 25.47
CA GLN B 185 -0.58 -2.50 25.72
C GLN B 185 -0.61 -3.70 26.66
N ASP B 186 -1.79 -4.14 27.09
CA ASP B 186 -1.98 -5.32 27.97
C ASP B 186 -1.57 -6.58 27.22
N ASP B 187 -1.38 -7.68 27.95
CA ASP B 187 -0.90 -8.99 27.41
C ASP B 187 -1.96 -9.57 26.47
N ALA B 188 -3.25 -9.35 26.74
CA ALA B 188 -4.39 -9.87 25.95
C ALA B 188 -4.40 -9.24 24.56
N SER B 189 -4.06 -7.95 24.45
CA SER B 189 -3.98 -7.18 23.18
C SER B 189 -2.79 -7.65 22.33
N ILE B 190 -1.63 -7.91 22.97
CA ILE B 190 -0.40 -8.41 22.30
C ILE B 190 -0.67 -9.79 21.71
N LYS B 191 -1.37 -10.66 22.43
CA LYS B 191 -1.77 -12.01 21.94
C LYS B 191 -2.68 -11.87 20.72
N LEU B 192 -3.72 -11.01 20.78
CA LEU B 192 -4.66 -10.78 19.64
C LEU B 192 -3.89 -10.21 18.45
N ALA B 193 -2.93 -9.33 18.71
CA ALA B 193 -2.11 -8.66 17.68
C ALA B 193 -1.27 -9.70 16.92
N LYS B 194 -0.63 -10.63 17.62
CA LYS B 194 0.18 -11.71 17.00
C LYS B 194 -0.73 -12.64 16.19
N GLU B 195 -1.90 -13.01 16.71
CA GLU B 195 -2.86 -13.87 15.96
C GLU B 195 -3.29 -13.18 14.66
N ALA B 196 -3.61 -11.87 14.72
CA ALA B 196 -4.00 -11.07 13.55
C ALA B 196 -2.87 -11.12 12.51
N ILE B 197 -1.63 -10.90 12.91
CA ILE B 197 -0.45 -10.97 12.00
C ILE B 197 -0.37 -12.37 11.39
N SER B 198 -0.66 -13.43 12.14
CA SER B 198 -0.61 -14.82 11.62
C SER B 198 -1.73 -15.06 10.60
N LEU B 199 -2.81 -14.27 10.62
CA LEU B 199 -4.00 -14.46 9.74
C LEU B 199 -3.94 -13.55 8.51
N LEU B 200 -2.95 -12.68 8.41
CA LEU B 200 -2.74 -11.83 7.21
C LEU B 200 -2.51 -12.72 6.00
N PRO B 201 -3.24 -12.52 4.88
CA PRO B 201 -2.92 -13.24 3.65
C PRO B 201 -1.50 -12.92 3.16
N THR B 202 -0.96 -13.80 2.31
CA THR B 202 0.44 -13.78 1.79
C THR B 202 0.72 -12.42 1.14
N TYR B 203 -0.28 -11.83 0.48
CA TYR B 203 -0.17 -10.61 -0.36
C TYR B 203 -0.41 -9.32 0.46
N HIS B 204 -0.76 -9.39 1.75
CA HIS B 204 -0.97 -8.20 2.60
C HIS B 204 0.30 -7.34 2.59
N PRO B 205 0.20 -5.99 2.44
CA PRO B 205 1.38 -5.13 2.42
C PRO B 205 2.33 -5.24 3.62
N LEU B 206 1.84 -5.73 4.77
CA LEU B 206 2.66 -5.81 6.01
C LEU B 206 3.66 -6.96 5.90
N ARG B 207 3.38 -7.97 5.08
CA ARG B 207 4.17 -9.23 5.04
C ARG B 207 5.61 -8.97 4.55
N ASN B 208 5.80 -8.14 3.53
CA ASN B 208 7.17 -7.88 3.01
C ASN B 208 7.96 -7.10 4.07
N TYR B 209 7.34 -6.10 4.70
CA TYR B 209 7.90 -5.36 5.87
C TYR B 209 8.35 -6.31 6.99
N LEU B 210 7.51 -7.28 7.39
CA LEU B 210 7.80 -8.27 8.47
C LEU B 210 9.04 -9.11 8.16
N THR B 211 9.32 -9.43 6.88
CA THR B 211 10.49 -10.26 6.48
C THR B 211 11.81 -9.55 6.83
N LYS B 212 11.83 -8.22 6.89
CA LYS B 212 13.07 -7.40 7.12
C LYS B 212 13.08 -6.80 8.52
N ALA B 213 12.03 -6.97 9.31
CA ALA B 213 11.92 -6.38 10.66
C ALA B 213 12.25 -7.49 11.68
N ARG B 214 13.53 -7.76 11.86
CA ARG B 214 14.08 -8.90 12.64
C ARG B 214 13.44 -8.98 14.03
N ASP B 215 13.35 -7.85 14.76
CA ASP B 215 13.09 -7.85 16.23
C ASP B 215 11.64 -7.40 16.53
N LEU B 216 10.78 -7.27 15.52
CA LEU B 216 9.49 -6.54 15.61
C LEU B 216 8.44 -7.30 16.42
N LEU B 217 8.53 -8.62 16.50
CA LEU B 217 7.55 -9.46 17.26
C LEU B 217 7.92 -9.49 18.77
N SER B 218 9.06 -8.94 19.19
CA SER B 218 9.35 -8.71 20.64
C SER B 218 8.35 -7.69 21.21
N ASP B 219 7.89 -7.92 22.43
CA ASP B 219 6.68 -7.26 22.98
C ASP B 219 6.87 -5.74 22.95
N SER B 220 8.07 -5.26 23.28
CA SER B 220 8.41 -3.81 23.34
C SER B 220 8.28 -3.16 21.96
N ALA B 221 8.86 -3.79 20.93
CA ALA B 221 8.90 -3.28 19.55
C ALA B 221 7.50 -3.40 18.92
N LEU B 222 6.79 -4.50 19.21
CA LEU B 222 5.42 -4.74 18.73
C LEU B 222 4.53 -3.59 19.21
N VAL B 223 4.55 -3.33 20.52
CA VAL B 223 3.74 -2.25 21.17
C VAL B 223 4.08 -0.92 20.49
N ASP B 224 5.37 -0.60 20.32
CA ASP B 224 5.86 0.67 19.75
C ASP B 224 5.34 0.85 18.32
N THR B 225 5.28 -0.22 17.53
CA THR B 225 4.91 -0.15 16.10
C THR B 225 3.38 -0.14 15.93
N PHE B 226 2.64 -0.92 16.71
CA PHE B 226 1.25 -1.36 16.42
C PHE B 226 0.23 -0.87 17.46
N LEU B 227 0.62 -0.60 18.70
CA LEU B 227 -0.35 -0.49 19.84
C LEU B 227 -0.09 0.79 20.65
N HIS B 228 0.58 1.79 20.08
CA HIS B 228 0.92 3.06 20.77
C HIS B 228 0.58 4.25 19.87
N GLY B 229 -0.53 4.16 19.11
CA GLY B 229 -1.07 5.23 18.26
C GLY B 229 -0.37 5.33 16.92
N ARG B 230 -0.95 6.07 15.96
CA ARG B 230 -0.36 6.24 14.59
C ARG B 230 0.95 7.02 14.72
N GLN B 231 2.00 6.55 14.04
CA GLN B 231 3.25 7.32 13.81
C GLN B 231 3.17 7.95 12.41
N ARG B 232 3.19 9.27 12.32
CA ARG B 232 3.22 10.01 11.04
C ARG B 232 4.34 9.41 10.17
N SER B 233 4.06 9.12 8.90
CA SER B 233 5.06 8.75 7.87
C SER B 233 5.12 9.88 6.82
N TYR B 234 6.20 9.93 6.05
CA TYR B 234 6.57 11.07 5.16
C TYR B 234 6.93 10.54 3.77
N THR B 235 6.56 11.28 2.74
CA THR B 235 7.09 11.11 1.36
C THR B 235 8.46 11.80 1.30
N VAL B 236 9.21 11.53 0.24
CA VAL B 236 10.48 12.22 -0.09
C VAL B 236 10.24 13.74 -0.04
N GLU B 237 9.19 14.22 -0.69
CA GLU B 237 8.94 15.68 -0.88
C GLU B 237 8.60 16.31 0.48
N GLU B 238 7.90 15.59 1.35
CA GLU B 238 7.56 16.09 2.72
C GLU B 238 8.83 16.18 3.58
N CYS B 239 9.75 15.21 3.49
CA CYS B 239 11.09 15.28 4.16
C CYS B 239 11.83 16.53 3.71
N VAL B 240 11.92 16.74 2.39
CA VAL B 240 12.70 17.89 1.82
C VAL B 240 12.04 19.19 2.29
N ASP B 241 10.71 19.27 2.27
CA ASP B 241 9.94 20.49 2.65
C ASP B 241 10.12 20.75 4.15
N LEU B 242 10.09 19.70 4.98
CA LEU B 242 10.35 19.83 6.44
C LEU B 242 11.72 20.49 6.67
N VAL B 243 12.75 20.01 5.95
CA VAL B 243 14.14 20.51 6.11
C VAL B 243 14.21 21.97 5.65
N THR B 244 13.72 22.31 4.44
CA THR B 244 13.81 23.69 3.89
C THR B 244 12.92 24.66 4.69
N SER B 245 11.80 24.20 5.26
CA SER B 245 10.87 25.04 6.08
C SER B 245 11.56 25.49 7.37
N ALA B 246 12.56 24.72 7.84
CA ALA B 246 13.37 25.02 9.05
C ALA B 246 14.54 25.94 8.69
N GLY B 247 14.66 26.35 7.42
CA GLY B 247 15.75 27.21 6.94
C GLY B 247 17.05 26.45 6.72
N LEU B 248 16.99 25.11 6.59
CA LEU B 248 18.18 24.25 6.30
C LEU B 248 18.18 23.81 4.84
N VAL B 249 19.32 23.32 4.38
CA VAL B 249 19.50 22.68 3.05
C VAL B 249 19.38 21.17 3.25
N PHE B 250 18.67 20.49 2.36
CA PHE B 250 18.67 19.01 2.26
C PHE B 250 20.00 18.59 1.63
N GLN B 251 20.93 18.10 2.45
CA GLN B 251 22.29 17.72 2.00
C GLN B 251 22.19 16.48 1.12
N GLY B 252 21.44 15.48 1.54
CA GLY B 252 21.28 14.21 0.80
C GLY B 252 20.90 13.07 1.71
N TRP B 253 20.87 11.87 1.12
CA TRP B 253 20.46 10.60 1.76
C TRP B 253 21.68 9.91 2.35
N PHE B 254 21.51 9.17 3.45
CA PHE B 254 22.54 8.26 3.98
C PHE B 254 22.68 7.08 3.02
N HIS B 255 21.59 6.37 2.77
CA HIS B 255 21.49 5.29 1.75
C HIS B 255 20.86 5.91 0.50
N LYS B 256 21.60 5.97 -0.60
CA LYS B 256 21.13 6.48 -1.92
C LYS B 256 20.29 5.42 -2.63
N ALA B 257 20.52 4.13 -2.36
CA ALA B 257 19.96 2.99 -3.15
C ALA B 257 18.45 3.16 -3.35
N PRO B 258 17.64 3.44 -2.31
CA PRO B 258 16.18 3.55 -2.51
C PRO B 258 15.72 4.67 -3.43
N TYR B 259 16.58 5.66 -3.74
CA TYR B 259 16.12 6.97 -4.29
C TYR B 259 16.60 7.15 -5.73
N TYR B 260 17.36 6.19 -6.29
CA TYR B 260 17.89 6.27 -7.68
C TYR B 260 17.58 4.99 -8.45
N PRO B 261 17.38 5.10 -9.77
CA PRO B 261 17.35 3.93 -10.65
C PRO B 261 18.69 3.19 -10.54
N HIS B 262 18.65 1.88 -10.34
CA HIS B 262 19.83 0.99 -10.17
C HIS B 262 20.41 0.66 -11.55
N ASP B 263 20.97 1.66 -12.24
CA ASP B 263 21.43 1.56 -13.66
C ASP B 263 22.66 0.63 -13.75
N PHE B 264 23.34 0.36 -12.64
CA PHE B 264 24.45 -0.63 -12.54
C PHE B 264 23.93 -2.05 -12.81
N PHE B 265 22.74 -2.40 -12.30
CA PHE B 265 22.11 -3.73 -12.52
C PHE B 265 21.33 -3.72 -13.85
N VAL B 266 20.72 -2.58 -14.21
CA VAL B 266 19.93 -2.46 -15.46
C VAL B 266 20.44 -1.25 -16.24
N PRO B 267 21.55 -1.39 -16.99
CA PRO B 267 22.00 -0.29 -17.85
C PRO B 267 21.14 -0.21 -19.11
N ASN B 268 21.03 0.99 -19.69
CA ASN B 268 20.43 1.24 -21.04
C ASN B 268 18.92 1.05 -21.01
N SER B 269 18.28 1.15 -19.84
CA SER B 269 16.81 1.21 -19.69
C SER B 269 16.32 2.61 -20.08
N GLU B 270 15.42 2.67 -21.07
CA GLU B 270 14.82 3.94 -21.58
C GLU B 270 13.95 4.54 -20.49
N PHE B 271 13.27 3.70 -19.70
CA PHE B 271 12.43 4.13 -18.55
C PHE B 271 13.32 4.79 -17.48
N TYR B 272 14.40 4.15 -17.07
CA TYR B 272 15.34 4.74 -16.06
C TYR B 272 15.96 6.02 -16.61
N ALA B 273 16.23 6.08 -17.93
CA ALA B 273 16.78 7.30 -18.57
C ALA B 273 15.76 8.44 -18.40
N ALA B 274 14.47 8.15 -18.61
CA ALA B 274 13.37 9.13 -18.49
C ALA B 274 13.22 9.60 -17.03
N VAL B 275 13.44 8.71 -16.05
CA VAL B 275 13.42 9.05 -14.60
C VAL B 275 14.64 9.93 -14.28
N ASN B 276 15.82 9.62 -14.82
CA ASN B 276 17.07 10.40 -14.57
C ASN B 276 17.02 11.76 -15.29
N THR B 277 16.04 12.00 -16.15
CA THR B 277 15.79 13.28 -16.85
C THR B 277 15.10 14.30 -15.93
N LEU B 278 14.29 13.84 -14.98
CA LEU B 278 13.51 14.70 -14.04
C LEU B 278 14.44 15.47 -13.13
N PRO B 279 13.99 16.61 -12.55
CA PRO B 279 14.72 17.28 -11.47
C PRO B 279 14.92 16.31 -10.29
N GLU B 280 16.04 16.43 -9.59
CA GLU B 280 16.51 15.52 -8.51
C GLU B 280 15.35 15.09 -7.61
N VAL B 281 14.60 16.04 -7.06
CA VAL B 281 13.60 15.73 -5.99
C VAL B 281 12.45 14.94 -6.61
N LYS B 282 12.02 15.29 -7.82
CA LYS B 282 10.93 14.58 -8.52
C LYS B 282 11.41 13.16 -8.84
N ALA B 283 12.69 12.98 -9.18
CA ALA B 283 13.32 11.67 -9.49
C ALA B 283 13.35 10.78 -8.24
N TRP B 284 13.81 11.31 -7.10
CA TRP B 284 13.75 10.61 -5.79
C TRP B 284 12.29 10.19 -5.50
N SER B 285 11.35 11.09 -5.79
CA SER B 285 9.92 10.94 -5.48
C SER B 285 9.36 9.75 -6.27
N VAL B 286 9.78 9.62 -7.53
CA VAL B 286 9.41 8.50 -8.44
C VAL B 286 9.95 7.19 -7.86
N MET B 287 11.23 7.14 -7.50
CA MET B 287 11.86 5.86 -7.05
C MET B 287 11.23 5.42 -5.73
N GLU B 288 10.80 6.34 -4.86
CA GLU B 288 10.10 5.98 -3.59
C GLU B 288 8.83 5.17 -3.90
N ARG B 289 8.18 5.44 -5.03
CA ARG B 289 6.90 4.78 -5.43
C ARG B 289 7.17 3.50 -6.24
N LEU B 290 8.40 3.27 -6.73
CA LEU B 290 8.78 2.03 -7.45
C LEU B 290 9.51 1.07 -6.51
N GLU B 291 10.20 1.60 -5.49
CA GLU B 291 10.98 0.81 -4.50
C GLU B 291 10.31 1.03 -3.13
N THR B 292 9.38 0.15 -2.75
CA THR B 292 8.39 0.37 -1.66
C THR B 292 8.70 -0.47 -0.44
N LEU B 293 9.76 -1.27 -0.44
CA LEU B 293 10.21 -2.02 0.77
C LEU B 293 10.81 -1.03 1.77
N ASN B 294 11.64 -0.10 1.29
CA ASN B 294 12.28 0.94 2.13
C ASN B 294 11.21 1.69 2.93
N ALA B 295 11.33 1.68 4.25
CA ALA B 295 10.30 2.12 5.22
C ALA B 295 10.80 3.27 6.10
N THR B 296 12.02 3.76 5.85
CA THR B 296 12.64 4.86 6.62
C THR B 296 13.33 5.81 5.66
N HIS B 297 13.28 7.11 5.96
CA HIS B 297 14.05 8.16 5.28
C HIS B 297 15.18 8.60 6.22
N LEU B 298 16.41 8.17 5.92
CA LEU B 298 17.65 8.56 6.65
C LEU B 298 18.32 9.65 5.83
N PHE B 299 18.34 10.87 6.32
CA PHE B 299 18.82 12.02 5.53
C PHE B 299 19.63 12.97 6.40
N MET B 300 20.33 13.86 5.72
CA MET B 300 21.22 14.87 6.33
C MET B 300 20.75 16.25 5.87
N ALA B 301 20.74 17.20 6.80
CA ALA B 301 20.43 18.61 6.54
C ALA B 301 21.59 19.46 7.07
N CYS B 302 21.84 20.59 6.46
CA CYS B 302 22.92 21.51 6.89
C CYS B 302 22.50 22.93 6.59
N ARG B 303 23.31 23.90 6.99
CA ARG B 303 22.96 25.34 6.89
C ARG B 303 23.17 25.83 5.45
N ARG B 304 22.41 26.84 5.04
CA ARG B 304 22.54 27.51 3.72
C ARG B 304 23.91 28.19 3.61
N ASP B 305 24.54 28.56 4.73
CA ASP B 305 25.83 29.33 4.72
C ASP B 305 27.01 28.39 4.97
N ARG B 306 26.81 27.07 4.97
CA ARG B 306 27.92 26.08 4.86
C ARG B 306 28.40 26.07 3.42
N PRO B 307 29.70 26.29 3.13
CA PRO B 307 30.17 26.34 1.74
C PRO B 307 29.82 25.03 1.02
N LYS B 308 29.19 25.15 -0.15
CA LYS B 308 28.67 24.03 -0.99
C LYS B 308 29.80 23.07 -1.41
N GLU B 309 31.03 23.56 -1.56
CA GLU B 309 32.21 22.74 -1.97
C GLU B 309 32.50 21.65 -0.93
N GLN B 310 32.06 21.84 0.31
CA GLN B 310 32.32 20.86 1.41
C GLN B 310 31.58 19.55 1.15
N TYR B 311 30.41 19.56 0.51
CA TYR B 311 29.46 18.42 0.55
C TYR B 311 28.77 18.14 -0.80
N THR B 312 28.87 19.02 -1.79
CA THR B 312 28.14 18.89 -3.07
C THR B 312 28.82 17.79 -3.90
N ILE B 313 28.10 16.73 -4.20
CA ILE B 313 28.56 15.59 -5.03
C ILE B 313 27.77 15.64 -6.32
N ASP B 314 28.45 15.83 -7.44
CA ASP B 314 27.82 15.94 -8.78
C ASP B 314 28.72 15.26 -9.82
N PHE B 315 28.42 14.02 -10.16
CA PHE B 315 29.23 13.17 -11.06
C PHE B 315 29.07 13.61 -12.52
N SER B 316 28.19 14.58 -12.81
CA SER B 316 27.91 15.08 -14.17
C SER B 316 28.89 16.20 -14.58
N THR B 317 29.74 16.68 -13.67
CA THR B 317 30.72 17.77 -13.93
C THR B 317 32.14 17.21 -14.02
N VAL B 318 33.05 17.99 -14.58
CA VAL B 318 34.49 17.61 -14.79
C VAL B 318 35.20 17.51 -13.43
N ALA B 319 34.68 18.19 -12.39
CA ALA B 319 35.27 18.18 -11.04
C ALA B 319 35.22 16.77 -10.47
N ALA B 320 34.25 15.95 -10.91
CA ALA B 320 34.06 14.55 -10.44
C ALA B 320 35.33 13.73 -10.64
N LEU B 321 36.17 14.07 -11.62
CA LEU B 321 37.43 13.32 -11.91
C LEU B 321 38.42 13.49 -10.74
N ASP B 322 38.25 14.50 -9.89
CA ASP B 322 39.10 14.77 -8.69
C ASP B 322 38.49 14.11 -7.44
N TYR B 323 37.29 13.54 -7.52
CA TYR B 323 36.69 12.75 -6.41
C TYR B 323 37.59 11.54 -6.12
N VAL B 324 37.80 11.25 -4.84
CA VAL B 324 38.53 10.05 -4.32
C VAL B 324 37.50 9.04 -3.84
N PRO B 325 37.24 7.94 -4.59
CA PRO B 325 36.32 6.90 -4.11
C PRO B 325 36.87 6.19 -2.86
N LEU B 326 35.99 5.87 -1.91
CA LEU B 326 36.26 5.08 -0.68
C LEU B 326 35.18 4.01 -0.53
N MET B 327 35.58 2.79 -0.15
CA MET B 327 34.64 1.71 0.23
C MET B 327 33.85 2.18 1.43
N ARG B 328 32.54 1.99 1.41
CA ARG B 328 31.64 2.27 2.56
C ARG B 328 31.71 1.07 3.52
N THR B 329 31.24 1.27 4.75
CA THR B 329 31.29 0.28 5.85
C THR B 329 30.82 -1.09 5.32
N ARG B 330 31.66 -2.13 5.48
CA ARG B 330 31.35 -3.55 5.15
C ARG B 330 31.11 -3.72 3.64
N CYS B 331 31.77 -2.89 2.81
CA CYS B 331 31.79 -3.01 1.33
C CYS B 331 33.24 -3.21 0.89
N GLY B 332 33.48 -3.89 -0.23
CA GLY B 332 34.83 -3.96 -0.82
C GLY B 332 34.93 -4.95 -1.95
N VAL B 333 36.16 -5.38 -2.22
CA VAL B 333 36.52 -6.35 -3.28
C VAL B 333 37.35 -7.47 -2.63
N SER B 334 36.95 -8.73 -2.84
CA SER B 334 37.75 -9.95 -2.59
C SER B 334 37.84 -10.74 -3.89
N GLY B 335 39.03 -10.79 -4.50
CA GLY B 335 39.27 -11.43 -5.81
C GLY B 335 38.38 -10.83 -6.88
N THR B 336 37.53 -11.63 -7.51
CA THR B 336 36.68 -11.23 -8.68
C THR B 336 35.28 -10.87 -8.21
N ASP B 337 35.04 -10.83 -6.89
CA ASP B 337 33.74 -10.44 -6.28
C ASP B 337 33.84 -9.03 -5.66
N MET B 338 32.78 -8.24 -5.80
CA MET B 338 32.52 -7.01 -4.99
C MET B 338 31.42 -7.36 -3.98
N PHE B 339 31.44 -6.80 -2.77
CA PHE B 339 30.41 -7.09 -1.72
C PHE B 339 29.87 -5.81 -1.09
N TRP B 340 28.56 -5.83 -0.82
CA TRP B 340 27.84 -4.94 0.13
C TRP B 340 27.63 -5.70 1.44
N PRO B 341 27.01 -5.09 2.47
CA PRO B 341 26.44 -5.86 3.57
C PRO B 341 25.30 -6.75 3.04
N GLY B 342 25.48 -8.07 3.06
CA GLY B 342 24.41 -9.05 2.80
C GLY B 342 24.18 -9.35 1.33
N TRP B 343 25.08 -8.91 0.43
CA TRP B 343 24.95 -9.12 -1.04
C TRP B 343 26.35 -9.15 -1.67
N ARG B 344 26.61 -10.18 -2.50
CA ARG B 344 27.88 -10.38 -3.25
C ARG B 344 27.56 -10.61 -4.72
N MET B 345 28.48 -10.22 -5.60
CA MET B 345 28.36 -10.46 -7.06
C MET B 345 29.71 -10.23 -7.74
N ALA B 346 29.84 -10.73 -8.96
CA ALA B 346 30.98 -10.56 -9.88
C ALA B 346 30.67 -9.44 -10.86
N PRO B 347 31.39 -8.30 -10.81
CA PRO B 347 31.24 -7.27 -11.85
C PRO B 347 31.95 -7.74 -13.13
N SER B 348 31.70 -7.07 -14.26
CA SER B 348 32.43 -7.27 -15.53
C SER B 348 33.93 -7.13 -15.27
N PRO B 349 34.81 -7.82 -16.03
CA PRO B 349 36.25 -7.64 -15.90
C PRO B 349 36.70 -6.17 -15.97
N ALA B 350 36.10 -5.37 -16.85
CA ALA B 350 36.47 -3.93 -17.03
C ALA B 350 36.04 -3.13 -15.79
N GLN B 351 34.97 -3.53 -15.11
CA GLN B 351 34.50 -2.87 -13.86
C GLN B 351 35.46 -3.21 -12.72
N LEU B 352 35.76 -4.51 -12.54
CA LEU B 352 36.67 -5.03 -11.50
C LEU B 352 38.00 -4.29 -11.55
N ALA B 353 38.57 -4.12 -12.75
CA ALA B 353 39.86 -3.42 -12.97
C ALA B 353 39.85 -2.04 -12.28
N PHE B 354 38.73 -1.32 -12.33
CA PHE B 354 38.57 0.01 -11.69
C PHE B 354 38.47 -0.15 -10.17
N LEU B 355 37.69 -1.13 -9.71
CA LEU B 355 37.39 -1.34 -8.26
C LEU B 355 38.65 -1.77 -7.51
N GLN B 356 39.56 -2.49 -8.18
CA GLN B 356 40.83 -3.00 -7.57
C GLN B 356 41.78 -1.83 -7.26
N GLN B 357 41.54 -0.65 -7.84
CA GLN B 357 42.41 0.55 -7.70
C GLN B 357 41.81 1.53 -6.69
N VAL B 358 40.67 1.21 -6.08
CA VAL B 358 40.05 2.02 -4.98
C VAL B 358 40.85 1.74 -3.70
N ASP B 359 41.52 2.75 -3.16
CA ASP B 359 42.35 2.66 -1.93
C ASP B 359 41.99 3.79 -0.96
N GLY B 360 41.06 4.67 -1.33
CA GLY B 360 40.68 5.85 -0.52
C GLY B 360 41.68 6.99 -0.63
N ARG B 361 42.63 6.91 -1.57
CA ARG B 361 43.66 7.96 -1.80
C ARG B 361 43.63 8.42 -3.27
N ARG B 362 43.52 7.49 -4.24
CA ARG B 362 43.55 7.79 -5.69
C ARG B 362 42.24 8.47 -6.12
N THR B 363 42.34 9.46 -7.02
CA THR B 363 41.17 10.10 -7.67
C THR B 363 40.65 9.19 -8.79
N ILE B 364 39.46 9.50 -9.31
CA ILE B 364 38.85 8.77 -10.45
C ILE B 364 39.78 8.91 -11.67
N ARG B 365 40.34 10.10 -11.91
CA ARG B 365 41.31 10.35 -13.02
C ARG B 365 42.52 9.43 -12.84
N GLU B 366 43.12 9.42 -11.65
CA GLU B 366 44.31 8.60 -11.29
C GLU B 366 43.98 7.12 -11.50
N ILE B 367 42.80 6.67 -11.04
CA ILE B 367 42.35 5.25 -11.18
C ILE B 367 42.32 4.87 -12.67
N ALA B 368 41.72 5.72 -13.52
CA ALA B 368 41.65 5.53 -14.98
C ALA B 368 43.08 5.43 -15.55
N GLY B 369 43.99 6.28 -15.04
CA GLY B 369 45.43 6.25 -15.36
C GLY B 369 46.04 4.88 -15.11
N CYS B 370 45.79 4.31 -13.93
CA CYS B 370 46.37 3.01 -13.48
C CYS B 370 45.85 1.86 -14.33
N VAL B 371 44.57 1.91 -14.71
CA VAL B 371 43.93 0.88 -15.57
C VAL B 371 44.53 0.97 -16.98
N ALA B 372 44.74 2.19 -17.47
CA ALA B 372 45.29 2.49 -18.82
C ALA B 372 46.66 1.82 -19.01
N ARG B 373 47.44 1.66 -17.93
CA ARG B 373 48.76 0.96 -17.89
C ARG B 373 48.54 -0.52 -17.55
N THR B 374 47.62 -1.21 -18.26
CA THR B 374 47.22 -2.63 -18.08
C THR B 374 46.39 -3.10 -19.28
N GLY B 379 41.08 -1.89 -24.87
CA GLY B 379 39.68 -1.48 -24.63
C GLY B 379 39.57 -0.09 -24.02
N GLY B 380 40.29 0.90 -24.59
CA GLY B 380 40.01 2.34 -24.38
C GLY B 380 41.25 3.22 -24.40
N SER B 381 41.09 4.45 -24.91
CA SER B 381 41.97 5.63 -24.69
C SER B 381 41.83 6.15 -23.24
N LEU B 382 42.60 7.18 -22.87
CA LEU B 382 42.54 7.81 -21.52
C LEU B 382 41.16 8.43 -21.32
N ALA B 383 40.71 9.22 -22.30
CA ALA B 383 39.41 9.95 -22.29
C ALA B 383 38.26 8.96 -22.05
N ASP B 384 38.28 7.81 -22.73
CA ASP B 384 37.23 6.76 -22.65
C ASP B 384 37.22 6.14 -21.26
N LEU B 385 38.38 5.89 -20.65
CA LEU B 385 38.53 5.22 -19.33
C LEU B 385 38.12 6.20 -18.21
N GLU B 386 38.45 7.48 -18.35
CA GLU B 386 38.03 8.54 -17.40
C GLU B 386 36.50 8.64 -17.40
N GLU B 387 35.90 8.53 -18.59
CA GLU B 387 34.44 8.59 -18.81
C GLU B 387 33.78 7.35 -18.18
N PHE B 388 34.36 6.17 -18.41
CA PHE B 388 33.88 4.88 -17.86
C PHE B 388 33.99 4.91 -16.33
N GLY B 389 35.08 5.50 -15.80
CA GLY B 389 35.33 5.64 -14.35
C GLY B 389 34.30 6.54 -13.69
N ARG B 390 34.08 7.71 -14.27
CA ARG B 390 33.08 8.71 -13.78
C ARG B 390 31.71 8.04 -13.66
N LYS B 391 31.25 7.40 -14.75
CA LYS B 391 29.92 6.73 -14.84
C LYS B 391 29.85 5.58 -13.83
N LEU B 392 30.92 4.78 -13.73
CA LEU B 392 30.93 3.59 -12.83
C LEU B 392 30.78 4.07 -11.38
N PHE B 393 31.55 5.06 -10.96
CA PHE B 393 31.58 5.52 -9.55
C PHE B 393 30.30 6.28 -9.23
N GLN B 394 29.69 6.98 -10.20
CA GLN B 394 28.33 7.56 -10.09
C GLN B 394 27.33 6.45 -9.76
N SER B 395 27.34 5.36 -10.54
CA SER B 395 26.43 4.20 -10.38
C SER B 395 26.58 3.58 -8.99
N LEU B 396 27.82 3.42 -8.51
CA LEU B 396 28.11 2.70 -7.26
C LEU B 396 27.96 3.63 -6.05
N TRP B 397 28.10 4.94 -6.25
CA TRP B 397 27.77 5.95 -5.21
C TRP B 397 26.27 5.90 -4.95
N ARG B 398 25.46 5.82 -6.00
CA ARG B 398 23.99 5.75 -5.90
C ARG B 398 23.55 4.40 -5.27
N LEU B 399 24.43 3.39 -5.28
CA LEU B 399 24.12 2.06 -4.70
C LEU B 399 24.87 1.85 -3.38
N ASP B 400 25.47 2.90 -2.80
CA ASP B 400 25.98 2.86 -1.41
C ASP B 400 27.18 1.90 -1.31
N PHE B 401 27.91 1.70 -2.41
CA PHE B 401 29.15 0.89 -2.45
C PHE B 401 30.37 1.77 -2.14
N VAL B 402 30.44 2.97 -2.75
CA VAL B 402 31.54 3.94 -2.47
C VAL B 402 30.96 5.27 -2.00
N ALA B 403 31.64 5.88 -1.04
CA ALA B 403 31.58 7.33 -0.72
C ALA B 403 32.65 8.03 -1.56
N VAL B 404 32.68 9.36 -1.52
CA VAL B 404 33.73 10.18 -2.20
C VAL B 404 34.27 11.17 -1.18
N ALA B 405 35.61 11.30 -1.13
CA ALA B 405 36.32 12.41 -0.47
C ALA B 405 36.41 13.56 -1.49
N LEU B 406 35.97 14.75 -1.06
CA LEU B 406 36.08 16.01 -1.86
C LEU B 406 37.38 16.73 -1.46
N PRO B 407 37.98 17.53 -2.37
CA PRO B 407 39.11 18.38 -2.00
C PRO B 407 38.87 19.24 -0.76
N ALA B 408 39.87 19.33 0.13
CA ALA B 408 39.88 20.07 1.43
C ALA B 408 39.16 21.42 1.31
#